data_4BMA
#
_entry.id   4BMA
#
_cell.length_a   55.649
_cell.length_b   139.744
_cell.length_c   144.744
_cell.angle_alpha   90.00
_cell.angle_beta   90.00
_cell.angle_gamma   90.00
#
_symmetry.space_group_name_H-M   'P 21 21 21'
#
loop_
_entity.id
_entity.type
_entity.pdbx_description
1 polymer 'UDP-N-ACETYLGLUCOSAMINE PYROPHOSPHORYLASE'
2 non-polymer GLYCEROL
3 water water
#
_entity_poly.entity_id   1
_entity_poly.type   'polypeptide(L)'
_entity_poly.pdbx_seq_one_letter_code
;MAVAIKETVSNFMERFHGHPENLPREPSAEEFQQLRKKYTDAGQGHVFAFVDELQTGERSQLFHQLSSFDPVRINELADK
ALNPPKADDGPASLEPLPDIATASILDSDPKDLEQWYEEGLKLVAGNKVAVVLMAGGQGTRLGSSAPKGCFDIGLPSHKS
LFQIQAERIAKLQLLAQRISGKEAVIPWYVMTSGPTRKPTEEFFEQHKYFGLNKSDVIIFEQGVLPCISNEGKILMESKF
KVAVAPDGNGGIYQALLTSGVREDMRKRGIEHIHTYCVDNCLVKVADPVFIGFAASKQVDIATKVVRKRNATESVGLILQ
KNGKPDVVEYSEIDKETAEAKDPKQPDVLKFRAANIVNHYYSFKFFESIELWAHKLPHHVARKKIPCIKEGTGEFFKPEK
PNGIKLEQFVFDVFPMTPLEKFACIEVRREDEFSPLKNARGTGEDDPDTSKRDIMSQGQRWIEKAGGIVITEGDVVGVEV
SPLISYGGEGLEFLKGREIKAPAFIEKEE
;
_entity_poly.pdbx_strand_id   A,B
#
# COMPACT_ATOMS: atom_id res chain seq x y z
N PRO A 27 -23.28 14.81 7.18
CA PRO A 27 -22.98 14.01 6.00
C PRO A 27 -24.06 12.94 5.69
N SER A 28 -24.68 13.03 4.51
CA SER A 28 -25.65 12.02 4.07
C SER A 28 -24.95 10.70 3.80
N ALA A 29 -25.71 9.60 3.77
CA ALA A 29 -25.14 8.30 3.42
C ALA A 29 -24.39 8.39 2.09
N GLU A 30 -24.85 9.33 1.24
CA GLU A 30 -24.38 9.42 -0.14
C GLU A 30 -23.08 10.18 -0.35
N GLU A 31 -22.99 11.38 0.23
CA GLU A 31 -21.76 12.16 0.13
C GLU A 31 -20.65 11.39 0.84
N PHE A 32 -21.00 10.72 1.93
CA PHE A 32 -20.15 9.74 2.58
C PHE A 32 -19.68 8.64 1.64
N GLN A 33 -20.60 8.03 0.89
CA GLN A 33 -20.22 6.96 -0.02
C GLN A 33 -19.25 7.50 -1.08
N GLN A 34 -19.49 8.72 -1.59
CA GLN A 34 -18.55 9.31 -2.54
C GLN A 34 -17.13 9.47 -1.95
N LEU A 35 -17.05 9.94 -0.72
CA LEU A 35 -15.73 10.04 -0.13
C LEU A 35 -15.07 8.65 -0.06
N ARG A 36 -15.87 7.65 0.31
CA ARG A 36 -15.36 6.30 0.44
C ARG A 36 -14.84 5.83 -0.92
N LYS A 37 -15.52 6.21 -2.00
CA LYS A 37 -15.11 5.74 -3.34
C LYS A 37 -13.77 6.38 -3.74
N LYS A 38 -13.70 7.71 -3.59
CA LYS A 38 -12.48 8.45 -3.80
C LYS A 38 -11.34 7.77 -3.03
N TYR A 39 -11.55 7.50 -1.75
CA TYR A 39 -10.47 6.90 -0.93
C TYR A 39 -10.09 5.51 -1.40
N THR A 40 -11.11 4.72 -1.78
CA THR A 40 -10.94 3.33 -2.14
C THR A 40 -10.29 3.17 -3.49
N ASP A 41 -10.71 3.98 -4.46
CA ASP A 41 -10.05 4.04 -5.78
C ASP A 41 -8.59 4.49 -5.65
N ALA A 42 -8.30 5.33 -4.65
CA ALA A 42 -6.92 5.74 -4.34
C ALA A 42 -6.08 4.73 -3.55
N GLY A 43 -6.59 3.53 -3.31
CA GLY A 43 -5.84 2.55 -2.49
C GLY A 43 -5.81 2.84 -0.99
N GLN A 44 -6.73 3.68 -0.53
CA GLN A 44 -6.74 4.07 0.90
C GLN A 44 -8.12 3.82 1.52
N GLY A 45 -8.83 2.82 0.98
CA GLY A 45 -10.16 2.49 1.46
C GLY A 45 -10.18 2.00 2.90
N HIS A 46 -9.12 1.37 3.37
CA HIS A 46 -9.04 0.88 4.74
C HIS A 46 -9.33 1.93 5.82
N VAL A 47 -9.28 3.22 5.50
CA VAL A 47 -9.59 4.29 6.51
C VAL A 47 -11.05 4.26 6.95
N PHE A 48 -11.90 3.61 6.14
CA PHE A 48 -13.33 3.37 6.48
C PHE A 48 -13.61 1.99 7.05
N ALA A 49 -12.57 1.19 7.31
CA ALA A 49 -12.79 -0.20 7.75
C ALA A 49 -13.62 -0.32 9.07
N PHE A 50 -13.57 0.66 9.94
CA PHE A 50 -14.25 0.55 11.23
C PHE A 50 -15.57 1.34 11.31
N VAL A 51 -16.09 1.79 10.16
CA VAL A 51 -17.19 2.77 10.07
C VAL A 51 -18.48 2.26 10.70
N ASP A 52 -18.69 0.97 10.54
CA ASP A 52 -19.79 0.26 11.15
C ASP A 52 -19.86 0.35 12.68
N GLU A 53 -18.71 0.34 13.36
CA GLU A 53 -18.74 0.37 14.83
C GLU A 53 -18.71 1.79 15.41
N LEU A 54 -19.00 2.79 14.59
CA LEU A 54 -18.89 4.19 15.03
C LEU A 54 -20.21 4.88 15.34
N GLN A 55 -20.20 5.75 16.35
CA GLN A 55 -21.33 6.66 16.63
C GLN A 55 -21.37 7.68 15.48
N THR A 56 -22.51 8.35 15.30
CA THR A 56 -22.63 9.28 14.17
C THR A 56 -21.76 10.55 14.30
N GLY A 57 -21.48 10.97 15.54
CA GLY A 57 -20.65 12.13 15.81
C GLY A 57 -19.26 11.78 15.32
N GLU A 58 -18.86 10.53 15.60
CA GLU A 58 -17.53 10.00 15.27
C GLU A 58 -17.38 9.82 13.77
N ARG A 59 -18.49 9.38 13.15
CA ARG A 59 -18.60 9.25 11.70
C ARG A 59 -18.50 10.60 10.98
N SER A 60 -19.15 11.64 11.51
CA SER A 60 -18.90 13.03 11.02
C SER A 60 -17.45 13.55 11.09
N GLN A 61 -16.86 13.51 12.29
CA GLN A 61 -15.47 13.89 12.51
C GLN A 61 -14.54 13.16 11.51
N LEU A 62 -14.83 11.90 11.20
CA LEU A 62 -14.00 11.13 10.26
C LEU A 62 -14.19 11.70 8.88
N PHE A 63 -15.46 11.82 8.51
CA PHE A 63 -15.82 12.39 7.22
C PHE A 63 -15.12 13.74 7.03
N HIS A 64 -15.22 14.65 7.99
CA HIS A 64 -14.65 15.99 7.80
C HIS A 64 -13.16 16.00 7.71
N GLN A 65 -12.49 15.22 8.55
CA GLN A 65 -11.05 15.13 8.45
C GLN A 65 -10.59 14.50 7.12
N LEU A 66 -11.22 13.40 6.68
CA LEU A 66 -10.85 12.77 5.39
C LEU A 66 -11.07 13.74 4.19
N SER A 67 -12.07 14.62 4.32
CA SER A 67 -12.43 15.58 3.28
C SER A 67 -11.38 16.64 3.07
N SER A 68 -10.54 16.84 4.11
CA SER A 68 -9.49 17.84 4.08
C SER A 68 -8.17 17.36 3.45
N PHE A 69 -8.03 16.06 3.17
CA PHE A 69 -6.81 15.58 2.43
C PHE A 69 -7.20 15.06 1.04
N ASP A 70 -6.33 15.18 0.03
CA ASP A 70 -6.59 14.51 -1.22
C ASP A 70 -5.76 13.21 -1.22
N PRO A 71 -6.42 12.04 -1.07
CA PRO A 71 -5.64 10.78 -1.05
C PRO A 71 -4.75 10.58 -2.29
N VAL A 72 -5.15 11.12 -3.45
CA VAL A 72 -4.30 11.05 -4.65
C VAL A 72 -3.01 11.89 -4.40
N ARG A 73 -3.16 13.08 -3.82
CA ARG A 73 -2.01 13.88 -3.39
C ARG A 73 -1.11 13.10 -2.44
N ILE A 74 -1.70 12.51 -1.40
CA ILE A 74 -0.93 11.68 -0.49
C ILE A 74 -0.10 10.58 -1.22
N ASN A 75 -0.72 9.85 -2.15
CA ASN A 75 -0.02 8.83 -2.94
C ASN A 75 1.17 9.35 -3.68
N GLU A 76 1.02 10.51 -4.30
CA GLU A 76 2.12 11.10 -5.08
C GLU A 76 3.33 11.40 -4.17
N LEU A 77 3.09 12.14 -3.09
CA LEU A 77 4.14 12.44 -2.05
C LEU A 77 4.72 11.14 -1.45
N ALA A 78 3.88 10.18 -1.08
CA ALA A 78 4.43 8.92 -0.54
C ALA A 78 5.32 8.18 -1.55
N ASP A 79 4.86 8.15 -2.82
CA ASP A 79 5.62 7.55 -3.89
C ASP A 79 6.98 8.25 -4.13
N LYS A 80 6.99 9.59 -4.22
CA LYS A 80 8.27 10.34 -4.36
C LYS A 80 9.21 10.06 -3.22
N ALA A 81 8.67 9.94 -2.02
CA ALA A 81 9.55 9.87 -0.84
C ALA A 81 10.13 8.47 -0.70
N LEU A 82 9.33 7.47 -1.07
CA LEU A 82 9.72 6.09 -0.90
C LEU A 82 10.45 5.54 -2.11
N ASN A 83 10.10 6.01 -3.31
CA ASN A 83 10.71 5.50 -4.54
C ASN A 83 11.50 6.65 -5.21
N PRO A 84 12.50 7.26 -4.53
CA PRO A 84 13.08 8.54 -4.99
C PRO A 84 13.97 8.46 -6.25
N PRO A 85 14.37 9.63 -6.82
CA PRO A 85 15.45 9.71 -7.82
C PRO A 85 16.73 10.30 -7.20
N PRO A 91 29.90 10.88 -4.15
CA PRO A 91 30.28 11.61 -2.93
C PRO A 91 30.36 13.14 -3.19
N ALA A 92 29.66 13.90 -2.36
CA ALA A 92 29.54 15.36 -2.54
C ALA A 92 30.87 16.15 -2.33
N SER A 93 31.08 17.26 -3.05
CA SER A 93 32.19 18.13 -2.69
C SER A 93 31.71 19.20 -1.68
N LEU A 94 32.44 19.30 -0.57
CA LEU A 94 32.13 20.20 0.52
C LEU A 94 33.20 21.24 0.60
N GLU A 95 32.79 22.51 0.75
CA GLU A 95 33.72 23.61 0.98
C GLU A 95 33.00 24.62 1.88
N PRO A 96 33.76 25.35 2.72
CA PRO A 96 33.08 26.35 3.59
C PRO A 96 32.48 27.44 2.69
N LEU A 97 31.43 28.15 3.12
CA LEU A 97 30.89 29.28 2.34
C LEU A 97 32.00 30.26 2.00
N PRO A 98 31.77 31.11 0.95
CA PRO A 98 32.83 32.03 0.61
C PRO A 98 33.08 33.04 1.75
N ASP A 99 34.35 33.39 2.01
CA ASP A 99 34.70 34.44 3.03
C ASP A 99 33.83 35.69 2.90
N ILE A 100 33.47 36.00 1.66
CA ILE A 100 32.64 37.10 1.37
C ILE A 100 31.25 37.04 1.97
N ALA A 101 30.78 35.82 2.23
CA ALA A 101 29.42 35.53 2.67
C ALA A 101 29.34 35.38 4.17
N THR A 102 30.48 35.40 4.87
CA THR A 102 30.50 35.10 6.30
C THR A 102 30.97 36.26 7.14
N ALA A 103 30.43 36.36 8.34
CA ALA A 103 30.92 37.32 9.32
C ALA A 103 30.93 36.59 10.68
N SER A 104 31.44 37.24 11.72
CA SER A 104 31.42 36.53 13.01
C SER A 104 31.39 37.45 14.21
N ILE A 105 30.47 37.24 15.15
CA ILE A 105 30.49 38.09 16.31
C ILE A 105 31.86 38.04 17.02
N LEU A 106 32.45 36.84 17.07
CA LEU A 106 33.73 36.68 17.77
C LEU A 106 34.85 37.34 16.96
N ASP A 107 34.84 37.15 15.64
CA ASP A 107 36.02 37.54 14.81
C ASP A 107 35.84 38.77 13.93
N SER A 108 34.63 39.21 13.59
CA SER A 108 34.61 40.37 12.68
C SER A 108 35.07 41.67 13.37
N ASP A 109 35.43 42.68 12.58
CA ASP A 109 35.80 43.98 13.11
C ASP A 109 34.64 44.55 13.94
N PRO A 110 34.91 44.97 15.19
CA PRO A 110 33.82 45.49 16.03
C PRO A 110 33.12 46.71 15.42
N LYS A 111 33.80 47.48 14.56
CA LYS A 111 33.18 48.59 13.85
C LYS A 111 32.10 48.06 12.91
N ASP A 112 32.37 46.95 12.24
CA ASP A 112 31.38 46.31 11.35
C ASP A 112 30.17 45.87 12.18
N LEU A 113 30.45 45.22 13.31
CA LEU A 113 29.40 44.75 14.17
C LEU A 113 28.51 45.93 14.68
N GLU A 114 29.14 47.07 15.04
CA GLU A 114 28.41 48.22 15.62
C GLU A 114 27.56 48.86 14.50
N GLN A 115 28.11 48.92 13.30
CA GLN A 115 27.38 49.50 12.23
C GLN A 115 26.19 48.60 11.82
N TRP A 116 26.41 47.28 11.77
CA TRP A 116 25.28 46.35 11.52
C TRP A 116 24.20 46.50 12.51
N TYR A 117 24.59 46.52 13.79
CA TYR A 117 23.65 46.81 14.87
C TYR A 117 22.76 48.07 14.65
N GLU A 118 23.43 49.22 14.42
CA GLU A 118 22.73 50.47 14.26
C GLU A 118 21.85 50.40 13.02
N GLU A 119 22.36 49.81 11.93
CA GLU A 119 21.56 49.65 10.70
C GLU A 119 20.32 48.76 10.83
N GLY A 120 20.43 47.70 11.64
CA GLY A 120 19.34 46.78 11.82
C GLY A 120 18.29 47.43 12.71
N LEU A 121 18.75 48.16 13.75
CA LEU A 121 17.84 48.93 14.63
C LEU A 121 17.04 50.01 13.87
N LYS A 122 17.69 50.65 12.90
CA LYS A 122 17.04 51.65 11.99
C LYS A 122 15.93 50.97 11.17
N LEU A 123 16.20 49.77 10.63
CA LEU A 123 15.21 48.92 9.95
C LEU A 123 14.04 48.61 10.90
N VAL A 124 14.31 48.26 12.16
CA VAL A 124 13.24 47.97 13.15
C VAL A 124 12.41 49.25 13.39
N ALA A 125 13.09 50.37 13.51
CA ALA A 125 12.46 51.62 13.84
C ALA A 125 11.62 52.00 12.62
N GLY A 126 12.00 51.52 11.44
CA GLY A 126 11.21 51.80 10.23
C GLY A 126 10.00 50.92 10.12
N ASN A 127 9.76 50.04 11.10
CA ASN A 127 8.67 49.07 10.92
C ASN A 127 8.88 48.11 9.74
N LYS A 128 10.14 47.84 9.41
CA LYS A 128 10.45 46.98 8.25
C LYS A 128 10.78 45.53 8.58
N VAL A 129 10.70 45.20 9.86
CA VAL A 129 11.14 43.88 10.37
C VAL A 129 9.99 43.07 10.97
N ALA A 130 9.91 41.82 10.54
CA ALA A 130 8.93 40.87 10.98
C ALA A 130 9.64 39.65 11.53
N VAL A 131 8.95 38.93 12.42
CA VAL A 131 9.47 37.68 12.89
C VAL A 131 8.46 36.57 12.54
N VAL A 132 8.96 35.46 12.01
CA VAL A 132 8.15 34.25 11.91
C VAL A 132 8.67 33.23 12.91
N LEU A 133 7.84 32.90 13.90
CA LEU A 133 8.18 31.90 14.90
C LEU A 133 7.67 30.47 14.51
N MET A 134 8.59 29.55 14.39
CA MET A 134 8.27 28.16 14.15
C MET A 134 8.02 27.55 15.52
N ALA A 135 6.73 27.41 15.87
CA ALA A 135 6.27 26.77 17.12
C ALA A 135 5.19 25.76 16.60
N GLY A 136 5.49 25.13 15.46
CA GLY A 136 4.59 24.12 14.89
C GLY A 136 4.84 22.75 15.48
N GLY A 137 5.71 22.67 16.49
CA GLY A 137 6.24 21.39 16.98
C GLY A 137 5.51 20.78 18.17
N GLN A 138 5.74 19.48 18.36
CA GLN A 138 5.52 18.72 19.61
C GLN A 138 6.06 19.46 20.86
N GLY A 139 5.40 19.31 22.02
CA GLY A 139 5.91 19.84 23.31
C GLY A 139 5.99 18.88 24.51
N THR A 140 5.97 17.57 24.21
CA THR A 140 5.68 16.47 25.18
C THR A 140 6.93 15.79 25.76
N ARG A 141 8.03 15.86 24.99
CA ARG A 141 9.35 15.36 25.36
C ARG A 141 9.77 15.80 26.78
N LEU A 142 8.99 16.72 27.35
CA LEU A 142 9.35 17.40 28.59
C LEU A 142 8.48 16.99 29.79
N GLY A 143 7.45 16.17 29.54
CA GLY A 143 6.43 15.80 30.53
C GLY A 143 5.15 16.63 30.38
N SER A 144 5.07 17.41 29.29
CA SER A 144 3.96 18.36 29.05
C SER A 144 3.29 18.07 27.73
N SER A 145 1.97 18.12 27.72
CA SER A 145 1.22 18.14 26.47
C SER A 145 0.67 19.55 26.15
N ALA A 146 1.28 20.57 26.75
CA ALA A 146 1.09 21.95 26.30
C ALA A 146 2.10 22.30 25.17
N PRO A 147 1.76 23.29 24.30
CA PRO A 147 2.77 23.77 23.30
C PRO A 147 4.12 23.97 24.00
N LYS A 148 5.20 23.66 23.29
CA LYS A 148 6.54 23.84 23.81
C LYS A 148 6.75 25.24 24.42
N GLY A 149 6.34 26.25 23.67
CA GLY A 149 6.52 27.66 24.05
C GLY A 149 5.94 28.08 25.35
N CYS A 150 4.93 27.34 25.83
CA CYS A 150 4.35 27.58 27.16
C CYS A 150 5.28 27.05 28.26
N PHE A 151 6.22 26.16 27.90
CA PHE A 151 7.03 25.48 28.96
C PHE A 151 7.73 26.41 29.96
N ASP A 152 7.64 26.10 31.25
CA ASP A 152 8.32 26.89 32.29
C ASP A 152 9.62 26.16 32.69
N ILE A 153 10.79 26.76 32.43
CA ILE A 153 12.08 26.11 32.70
C ILE A 153 12.52 26.20 34.14
N GLY A 154 11.72 26.81 35.01
CA GLY A 154 12.09 26.92 36.39
C GLY A 154 12.92 28.15 36.71
N LEU A 155 12.92 29.16 35.82
CA LEU A 155 13.43 30.51 36.16
C LEU A 155 12.72 31.06 37.43
N PRO A 156 13.39 31.96 38.23
CA PRO A 156 12.69 32.53 39.40
C PRO A 156 11.36 33.25 39.04
N SER A 157 11.22 33.71 37.80
CA SER A 157 10.09 34.50 37.35
C SER A 157 9.00 33.58 36.92
N HIS A 158 9.39 32.32 36.70
CA HIS A 158 8.55 31.29 36.12
C HIS A 158 8.02 31.61 34.73
N LYS A 159 8.62 32.57 34.01
CA LYS A 159 8.12 32.92 32.65
C LYS A 159 8.25 31.77 31.67
N SER A 160 7.26 31.60 30.78
CA SER A 160 7.34 30.66 29.68
C SER A 160 8.34 31.20 28.66
N LEU A 161 8.69 30.34 27.67
CA LEU A 161 9.49 30.72 26.50
C LEU A 161 8.78 31.79 25.71
N PHE A 162 7.47 31.59 25.49
CA PHE A 162 6.67 32.57 24.77
C PHE A 162 6.85 33.96 25.41
N GLN A 163 6.74 34.03 26.73
CA GLN A 163 6.73 35.33 27.35
C GLN A 163 8.14 36.02 27.24
N ILE A 164 9.19 35.26 27.48
CA ILE A 164 10.52 35.75 27.33
C ILE A 164 10.74 36.33 25.95
N GLN A 165 10.26 35.63 24.94
CA GLN A 165 10.44 36.06 23.61
C GLN A 165 9.63 37.34 23.31
N ALA A 166 8.43 37.43 23.86
CA ALA A 166 7.56 38.56 23.62
C ALA A 166 8.24 39.74 24.31
N GLU A 167 8.87 39.50 25.44
CA GLU A 167 9.48 40.61 26.14
C GLU A 167 10.75 41.14 25.40
N ARG A 168 11.49 40.21 24.81
CA ARG A 168 12.54 40.61 23.90
C ARG A 168 12.00 41.50 22.76
N ILE A 169 10.95 41.09 22.08
CA ILE A 169 10.28 42.01 21.11
C ILE A 169 9.89 43.36 21.69
N ALA A 170 9.24 43.39 22.84
CA ALA A 170 8.78 44.67 23.37
C ALA A 170 9.97 45.62 23.65
N LYS A 171 11.08 45.06 24.15
CA LYS A 171 12.24 45.90 24.58
C LYS A 171 12.92 46.36 23.37
N LEU A 172 13.06 45.48 22.37
CA LEU A 172 13.70 45.97 21.15
C LEU A 172 12.90 47.06 20.54
N GLN A 173 11.56 46.91 20.45
CA GLN A 173 10.71 48.01 19.91
C GLN A 173 11.01 49.34 20.58
N LEU A 174 11.27 49.29 21.91
CA LEU A 174 11.46 50.51 22.74
C LEU A 174 12.86 51.06 22.44
N LEU A 175 13.81 50.14 22.21
CA LEU A 175 15.20 50.55 21.92
C LEU A 175 15.18 51.24 20.60
N ALA A 176 14.38 50.71 19.66
CA ALA A 176 14.17 51.32 18.37
C ALA A 176 13.50 52.71 18.46
N GLN A 177 12.58 52.88 19.41
CA GLN A 177 11.91 54.17 19.59
C GLN A 177 12.85 55.36 20.02
N ARG A 178 13.96 55.08 20.70
CA ARG A 178 14.95 56.14 20.84
C ARG A 178 15.83 56.15 19.58
N ILE A 179 15.22 56.29 18.41
CA ILE A 179 15.88 56.63 17.13
C ILE A 179 14.81 57.41 16.42
N SER A 180 13.68 56.74 16.23
CA SER A 180 12.61 57.32 15.50
C SER A 180 12.03 58.50 16.29
N GLY A 181 11.96 58.36 17.60
CA GLY A 181 11.00 59.13 18.42
C GLY A 181 9.54 58.74 18.20
N LYS A 182 9.30 57.48 17.78
CA LYS A 182 7.96 56.93 17.35
C LYS A 182 7.83 55.46 17.71
N GLU A 183 6.60 54.93 17.76
CA GLU A 183 6.35 53.49 18.04
C GLU A 183 7.04 52.68 16.95
N ALA A 184 7.75 51.61 17.33
CA ALA A 184 8.30 50.63 16.39
C ALA A 184 7.53 49.33 16.59
N VAL A 185 7.18 48.68 15.49
CA VAL A 185 6.35 47.50 15.50
C VAL A 185 7.08 46.37 14.73
N ILE A 186 7.29 45.26 15.43
CA ILE A 186 7.82 44.00 14.84
C ILE A 186 6.69 42.95 14.94
N PRO A 187 5.96 42.73 13.85
CA PRO A 187 4.84 41.76 14.01
C PRO A 187 5.40 40.35 14.22
N TRP A 188 4.68 39.55 14.98
CA TRP A 188 5.17 38.26 15.39
C TRP A 188 4.21 37.24 14.83
N TYR A 189 4.58 36.58 13.74
CA TYR A 189 3.73 35.59 13.10
C TYR A 189 4.07 34.22 13.72
N VAL A 190 3.17 33.67 14.52
CA VAL A 190 3.48 32.52 15.32
C VAL A 190 2.86 31.28 14.63
N MET A 191 3.73 30.50 14.02
CA MET A 191 3.30 29.35 13.22
C MET A 191 3.12 28.14 14.14
N THR A 192 1.91 27.62 14.16
CA THR A 192 1.57 26.49 14.97
C THR A 192 1.10 25.38 14.02
N SER A 193 0.78 24.25 14.62
CA SER A 193 0.19 23.18 13.86
C SER A 193 -1.24 23.04 14.39
N GLY A 194 -2.10 22.38 13.59
CA GLY A 194 -3.37 21.75 14.08
C GLY A 194 -3.48 21.52 15.60
N PRO A 195 -2.70 20.56 16.19
CA PRO A 195 -2.80 20.32 17.64
C PRO A 195 -2.53 21.50 18.58
N THR A 196 -1.51 22.33 18.32
CA THR A 196 -1.18 23.47 19.23
C THR A 196 -1.88 24.81 18.99
N ARG A 197 -2.59 24.93 17.88
CA ARG A 197 -3.15 26.22 17.51
C ARG A 197 -4.09 26.82 18.56
N LYS A 198 -5.03 26.03 19.07
CA LYS A 198 -6.01 26.54 20.01
C LYS A 198 -5.37 26.73 21.41
N PRO A 199 -4.63 25.73 21.92
CA PRO A 199 -3.96 26.05 23.19
C PRO A 199 -3.03 27.25 23.09
N THR A 200 -2.33 27.41 21.97
CA THR A 200 -1.45 28.59 21.80
C THR A 200 -2.28 29.87 21.84
N GLU A 201 -3.35 29.95 21.05
CA GLU A 201 -4.25 31.14 21.12
C GLU A 201 -4.69 31.39 22.54
N GLU A 202 -5.12 30.34 23.24
CA GLU A 202 -5.65 30.60 24.59
C GLU A 202 -4.55 31.04 25.55
N PHE A 203 -3.33 30.52 25.38
CA PHE A 203 -2.23 30.93 26.26
C PHE A 203 -1.94 32.47 26.12
N PHE A 204 -1.79 32.92 24.88
CA PHE A 204 -1.52 34.34 24.64
C PHE A 204 -2.71 35.11 25.22
N GLU A 205 -3.92 34.60 25.01
CA GLU A 205 -5.10 35.31 25.52
C GLU A 205 -4.99 35.57 27.00
N GLN A 206 -4.73 34.51 27.77
CA GLN A 206 -4.72 34.64 29.23
C GLN A 206 -3.65 35.63 29.66
N HIS A 207 -2.51 35.62 28.95
CA HIS A 207 -1.41 36.57 29.26
C HIS A 207 -1.52 37.93 28.63
N LYS A 208 -2.73 38.25 28.15
CA LYS A 208 -2.98 39.54 27.49
C LYS A 208 -1.89 39.87 26.42
N TYR A 209 -1.40 38.86 25.70
CA TYR A 209 -0.42 39.07 24.64
C TYR A 209 0.87 39.68 25.14
N PHE A 210 1.15 39.44 26.43
CA PHE A 210 2.35 39.90 27.09
C PHE A 210 2.66 41.37 26.86
N GLY A 211 1.67 42.25 26.88
CA GLY A 211 1.91 43.67 26.63
C GLY A 211 2.15 44.13 25.18
N LEU A 212 2.15 43.21 24.26
CA LEU A 212 2.26 43.53 22.82
C LEU A 212 0.83 43.83 22.31
N ASN A 213 0.68 44.64 21.24
CA ASN A 213 -0.63 44.82 20.62
C ASN A 213 -1.16 43.54 20.01
N LYS A 214 -2.41 43.25 20.33
CA LYS A 214 -3.04 42.08 19.80
C LYS A 214 -2.89 42.01 18.27
N SER A 215 -3.06 43.15 17.58
CA SER A 215 -2.92 43.16 16.09
C SER A 215 -1.54 42.72 15.61
N ASP A 216 -0.53 42.73 16.50
CA ASP A 216 0.85 42.50 16.05
C ASP A 216 1.35 41.11 16.46
N VAL A 217 0.42 40.30 16.98
CA VAL A 217 0.71 38.87 17.24
C VAL A 217 -0.31 38.03 16.43
N ILE A 218 0.15 37.28 15.43
CA ILE A 218 -0.71 36.66 14.40
C ILE A 218 -0.42 35.17 14.44
N ILE A 219 -1.35 34.42 14.98
CA ILE A 219 -1.12 33.01 15.12
C ILE A 219 -1.76 32.42 13.84
N PHE A 220 -1.06 31.53 13.17
CA PHE A 220 -1.49 30.85 11.95
C PHE A 220 -1.00 29.37 11.97
N GLU A 221 -1.35 28.60 10.94
CA GLU A 221 -1.08 27.16 10.85
C GLU A 221 -0.22 26.85 9.64
N GLN A 222 0.78 25.99 9.80
CA GLN A 222 1.29 25.24 8.60
C GLN A 222 0.34 24.07 8.26
N GLY A 223 0.55 23.45 7.10
CA GLY A 223 -0.19 22.24 6.70
C GLY A 223 0.16 21.02 7.53
N VAL A 224 -0.70 20.01 7.48
CA VAL A 224 -0.40 18.70 8.08
C VAL A 224 -0.51 17.66 6.98
N LEU A 225 0.05 16.45 7.20
CA LEU A 225 -0.20 15.30 6.32
C LEU A 225 -0.55 14.12 7.16
N PRO A 226 -1.31 13.16 6.59
CA PRO A 226 -1.50 11.90 7.31
C PRO A 226 -0.15 11.25 7.52
N CYS A 227 0.03 10.62 8.67
CA CYS A 227 1.14 9.68 8.77
C CYS A 227 0.81 8.40 7.91
N ILE A 228 1.84 7.74 7.41
CA ILE A 228 1.69 6.59 6.51
C ILE A 228 2.52 5.36 6.98
N SER A 229 2.04 4.13 6.72
CA SER A 229 2.85 2.95 6.86
C SER A 229 4.06 3.00 5.91
N ASN A 230 4.99 2.08 6.12
CA ASN A 230 6.05 1.77 5.15
C ASN A 230 5.62 1.56 3.72
N GLU A 231 4.37 1.21 3.49
CA GLU A 231 3.85 1.06 2.13
C GLU A 231 3.02 2.25 1.67
N GLY A 232 3.05 3.35 2.41
CA GLY A 232 2.30 4.55 2.07
C GLY A 232 0.81 4.53 2.28
N LYS A 233 0.29 3.60 3.11
CA LYS A 233 -1.10 3.61 3.54
C LYS A 233 -1.34 4.55 4.77
N ILE A 234 -2.39 5.38 4.69
CA ILE A 234 -2.74 6.29 5.78
C ILE A 234 -2.94 5.56 7.13
N LEU A 235 -2.28 6.05 8.17
CA LEU A 235 -2.38 5.39 9.49
C LEU A 235 -3.54 5.94 10.27
N MET A 236 -4.17 5.09 11.05
CA MET A 236 -5.32 5.54 11.86
C MET A 236 -4.97 5.72 13.34
N GLU A 237 -5.11 6.94 13.86
CA GLU A 237 -4.94 7.14 15.30
C GLU A 237 -6.00 6.37 16.10
N SER A 238 -7.27 6.52 15.71
CA SER A 238 -8.40 5.87 16.35
C SER A 238 -9.28 5.42 15.21
N LYS A 239 -10.28 4.62 15.51
CA LYS A 239 -11.18 4.09 14.50
C LYS A 239 -11.95 5.16 13.69
N PHE A 240 -11.96 6.40 14.17
CA PHE A 240 -12.69 7.51 13.50
C PHE A 240 -11.80 8.71 13.20
N LYS A 241 -10.50 8.52 13.42
CA LYS A 241 -9.49 9.58 13.32
C LYS A 241 -8.08 9.17 12.78
N VAL A 242 -7.66 9.83 11.73
CA VAL A 242 -6.41 9.59 11.03
C VAL A 242 -5.25 10.15 11.85
N ALA A 243 -4.15 9.43 11.96
CA ALA A 243 -2.91 10.02 12.53
C ALA A 243 -2.29 11.04 11.56
N VAL A 244 -2.14 12.28 12.03
CA VAL A 244 -1.47 13.35 11.26
C VAL A 244 -0.26 13.89 12.03
N ALA A 245 0.65 14.49 11.27
CA ALA A 245 1.79 15.25 11.68
C ALA A 245 1.90 16.59 10.90
N PRO A 246 2.53 17.63 11.53
CA PRO A 246 2.87 18.78 10.69
C PRO A 246 3.85 18.37 9.54
N ASP A 247 3.77 19.09 8.43
CA ASP A 247 4.51 18.79 7.19
C ASP A 247 5.99 19.25 7.16
N GLY A 248 6.58 19.37 8.34
CA GLY A 248 8.00 19.74 8.48
C GLY A 248 8.25 21.25 8.58
N ASN A 249 9.34 21.66 9.18
CA ASN A 249 9.55 23.07 9.26
C ASN A 249 9.69 23.75 7.89
N GLY A 250 10.09 22.98 6.88
CA GLY A 250 10.04 23.44 5.47
C GLY A 250 8.63 23.79 4.95
N GLY A 251 7.59 23.32 5.65
CA GLY A 251 6.18 23.73 5.32
C GLY A 251 5.92 25.23 5.50
N ILE A 252 6.87 25.92 6.13
CA ILE A 252 6.72 27.35 6.36
C ILE A 252 6.46 28.19 5.09
N TYR A 253 7.17 27.86 4.03
CA TYR A 253 7.02 28.69 2.84
C TYR A 253 5.61 28.68 2.28
N GLN A 254 5.08 27.46 2.09
CA GLN A 254 3.70 27.34 1.62
C GLN A 254 2.72 27.97 2.64
N ALA A 255 2.99 27.79 3.93
CA ALA A 255 2.06 28.24 5.00
C ALA A 255 1.95 29.74 4.99
N LEU A 256 3.02 30.42 4.56
CA LEU A 256 2.99 31.89 4.44
C LEU A 256 1.97 32.36 3.42
N LEU A 257 1.81 31.64 2.32
CA LEU A 257 0.77 31.97 1.31
C LEU A 257 -0.66 31.60 1.79
N THR A 258 -0.93 30.32 1.98
CA THR A 258 -2.25 29.81 2.50
C THR A 258 -2.76 30.65 3.67
N SER A 259 -1.89 30.93 4.64
CA SER A 259 -2.34 31.68 5.81
C SER A 259 -2.72 33.14 5.51
N GLY A 260 -2.32 33.71 4.36
CA GLY A 260 -2.41 35.19 4.18
C GLY A 260 -1.32 35.97 4.91
N VAL A 261 -0.37 35.27 5.53
CA VAL A 261 0.72 35.95 6.23
C VAL A 261 1.59 36.84 5.34
N ARG A 262 2.00 36.33 4.18
CA ARG A 262 2.80 37.12 3.26
C ARG A 262 2.09 38.37 2.77
N GLU A 263 0.81 38.26 2.45
CA GLU A 263 0.14 39.46 1.97
C GLU A 263 -0.05 40.52 3.10
N ASP A 264 -0.21 40.05 4.34
CA ASP A 264 -0.29 40.93 5.51
C ASP A 264 1.07 41.66 5.69
N MET A 265 2.18 40.90 5.55
CA MET A 265 3.53 41.54 5.54
C MET A 265 3.60 42.62 4.44
N ARG A 266 3.08 42.28 3.27
CA ARG A 266 3.06 43.19 2.13
C ARG A 266 2.39 44.46 2.57
N LYS A 267 1.20 44.33 3.17
CA LYS A 267 0.41 45.52 3.58
C LYS A 267 1.12 46.37 4.62
N ARG A 268 1.85 45.70 5.53
CA ARG A 268 2.70 46.42 6.50
C ARG A 268 3.96 47.00 5.88
N GLY A 269 4.32 46.66 4.62
CA GLY A 269 5.60 47.14 4.11
C GLY A 269 6.79 46.50 4.88
N ILE A 270 6.68 45.23 5.26
CA ILE A 270 7.82 44.51 5.84
C ILE A 270 8.85 44.27 4.72
N GLU A 271 10.14 44.36 5.01
CA GLU A 271 11.16 44.04 4.01
C GLU A 271 12.23 43.02 4.47
N HIS A 272 12.16 42.63 5.75
CA HIS A 272 13.14 41.77 6.41
C HIS A 272 12.43 40.86 7.37
N ILE A 273 12.79 39.57 7.39
CA ILE A 273 12.06 38.59 8.15
C ILE A 273 13.00 37.69 8.87
N HIS A 274 12.87 37.66 10.21
CA HIS A 274 13.74 36.79 11.05
C HIS A 274 12.94 35.56 11.37
N THR A 275 13.51 34.34 11.19
CA THR A 275 12.81 33.10 11.62
C THR A 275 13.64 32.24 12.48
N TYR A 276 13.01 31.56 13.43
CA TYR A 276 13.77 30.69 14.35
C TYR A 276 12.78 29.75 14.97
N CYS A 277 13.26 28.74 15.67
CA CYS A 277 12.42 27.77 16.38
C CYS A 277 12.13 28.19 17.83
N VAL A 278 10.89 28.03 18.33
CA VAL A 278 10.56 28.53 19.70
C VAL A 278 11.38 27.84 20.79
N ASP A 279 12.01 26.72 20.49
CA ASP A 279 12.73 26.01 21.56
C ASP A 279 14.08 26.62 21.98
N ASN A 280 14.59 27.58 21.23
CA ASN A 280 15.82 28.26 21.64
C ASN A 280 15.55 29.33 22.70
N CYS A 281 15.82 28.98 23.96
N CYS A 281 15.77 29.01 23.97
CA CYS A 281 15.47 29.86 25.09
CA CYS A 281 15.39 29.96 25.03
C CYS A 281 16.29 31.15 25.13
C CYS A 281 16.24 31.23 25.06
N LEU A 282 17.38 31.21 24.39
CA LEU A 282 18.24 32.39 24.42
C LEU A 282 18.03 33.22 23.17
N VAL A 283 17.04 32.88 22.32
CA VAL A 283 17.02 33.53 21.00
C VAL A 283 17.01 35.08 21.09
N LYS A 284 17.91 35.73 20.40
CA LYS A 284 17.84 37.19 20.21
C LYS A 284 16.78 37.49 19.12
N VAL A 285 15.57 37.80 19.53
CA VAL A 285 14.47 37.95 18.54
C VAL A 285 14.69 39.18 17.70
N ALA A 286 14.60 39.04 16.39
CA ALA A 286 14.68 40.18 15.49
C ALA A 286 16.09 40.87 15.69
N ASP A 287 17.07 40.08 16.08
CA ASP A 287 18.43 40.59 16.34
C ASP A 287 18.91 41.68 15.31
N PRO A 288 19.14 42.89 15.78
CA PRO A 288 19.45 43.94 14.84
C PRO A 288 20.78 43.71 14.10
N VAL A 289 21.73 43.06 14.76
CA VAL A 289 23.00 42.83 14.10
C VAL A 289 22.80 41.94 12.86
N PHE A 290 22.06 40.83 13.06
CA PHE A 290 21.76 39.85 12.04
C PHE A 290 21.00 40.54 10.89
N ILE A 291 19.94 41.31 11.24
CA ILE A 291 19.19 42.01 10.20
C ILE A 291 20.13 42.99 9.50
N GLY A 292 20.90 43.75 10.26
CA GLY A 292 21.77 44.76 9.62
C GLY A 292 22.82 44.14 8.71
N PHE A 293 23.46 43.06 9.20
CA PHE A 293 24.41 42.28 8.39
C PHE A 293 23.78 41.80 7.07
N ALA A 294 22.63 41.14 7.15
CA ALA A 294 22.02 40.59 5.91
C ALA A 294 21.62 41.72 4.96
N ALA A 295 20.99 42.77 5.50
CA ALA A 295 20.50 43.85 4.66
C ALA A 295 21.70 44.47 3.98
N SER A 296 22.84 44.54 4.69
CA SER A 296 24.06 45.17 4.11
C SER A 296 24.55 44.33 2.92
N LYS A 297 24.24 43.04 2.88
CA LYS A 297 24.79 42.22 1.75
C LYS A 297 23.75 42.01 0.71
N GLN A 298 22.56 42.52 0.97
CA GLN A 298 21.46 42.42 0.02
C GLN A 298 21.10 40.97 -0.31
N VAL A 299 21.28 40.09 0.66
CA VAL A 299 20.99 38.71 0.39
C VAL A 299 19.51 38.39 0.37
N ASP A 300 19.13 37.29 -0.26
CA ASP A 300 17.79 36.77 -0.04
C ASP A 300 17.62 35.96 1.24
N ILE A 301 18.66 35.20 1.66
CA ILE A 301 18.57 34.31 2.86
C ILE A 301 19.87 34.52 3.61
N ALA A 302 19.81 34.65 4.93
CA ALA A 302 21.06 34.55 5.65
C ALA A 302 20.75 33.60 6.78
N THR A 303 21.84 33.18 7.42
CA THR A 303 21.73 32.21 8.44
C THR A 303 22.64 32.49 9.69
N LYS A 304 22.25 32.10 10.93
CA LYS A 304 23.18 32.17 12.02
C LYS A 304 23.72 30.82 12.29
N VAL A 305 24.95 30.78 12.81
CA VAL A 305 25.57 29.55 13.30
C VAL A 305 26.27 29.76 14.63
N VAL A 306 26.68 28.68 15.30
CA VAL A 306 27.55 28.78 16.44
C VAL A 306 28.84 28.03 16.07
N ARG A 307 29.89 28.22 16.85
CA ARG A 307 31.16 27.63 16.55
C ARG A 307 31.16 26.15 16.94
N LYS A 308 31.42 25.30 15.93
CA LYS A 308 31.88 23.94 16.17
C LYS A 308 33.38 23.94 16.65
N ARG A 309 33.61 23.45 17.85
CA ARG A 309 34.93 23.64 18.46
C ARG A 309 35.76 22.39 18.42
N ASN A 310 35.14 21.22 18.62
CA ASN A 310 35.79 19.90 18.48
C ASN A 310 35.27 19.08 17.23
N ALA A 311 36.22 18.53 16.47
CA ALA A 311 35.92 17.75 15.27
C ALA A 311 34.82 16.69 15.44
N THR A 312 34.71 16.10 16.65
CA THR A 312 33.73 15.02 16.89
C THR A 312 32.35 15.45 17.30
N GLU A 313 32.09 16.75 17.52
CA GLU A 313 30.75 17.19 17.86
C GLU A 313 29.84 16.81 16.73
N SER A 314 28.59 16.47 17.04
CA SER A 314 27.70 15.94 16.04
C SER A 314 26.69 17.02 15.66
N VAL A 315 27.11 17.94 14.79
CA VAL A 315 26.23 19.05 14.45
C VAL A 315 26.13 19.12 12.95
N GLY A 316 24.95 19.50 12.44
CA GLY A 316 24.76 19.80 11.04
C GLY A 316 25.50 21.09 10.68
N LEU A 317 26.11 21.13 9.51
CA LEU A 317 26.95 22.32 9.15
C LEU A 317 26.41 23.06 7.92
N ILE A 318 26.57 24.37 7.90
CA ILE A 318 26.16 25.14 6.78
C ILE A 318 27.47 25.36 6.02
N LEU A 319 27.43 25.16 4.70
CA LEU A 319 28.65 25.06 3.87
C LEU A 319 28.21 25.00 2.41
N GLN A 320 29.16 24.87 1.51
CA GLN A 320 28.86 24.67 0.12
C GLN A 320 28.87 23.21 -0.15
N LYS A 321 27.70 22.69 -0.50
CA LYS A 321 27.66 21.33 -0.92
C LYS A 321 27.42 21.39 -2.42
N ASN A 322 28.31 20.77 -3.18
CA ASN A 322 28.26 20.81 -4.65
C ASN A 322 28.13 22.21 -5.25
N GLY A 323 28.91 23.12 -4.68
CA GLY A 323 28.97 24.51 -5.06
C GLY A 323 27.75 25.32 -4.70
N LYS A 324 26.89 24.82 -3.82
CA LYS A 324 25.67 25.56 -3.50
C LYS A 324 25.45 25.63 -1.98
N PRO A 325 24.81 26.69 -1.47
CA PRO A 325 24.67 26.77 0.00
C PRO A 325 23.78 25.64 0.48
N ASP A 326 24.09 25.04 1.64
CA ASP A 326 23.29 23.88 2.10
C ASP A 326 23.62 23.55 3.54
N VAL A 327 22.89 22.61 4.16
CA VAL A 327 23.20 22.25 5.56
C VAL A 327 23.41 20.75 5.43
N VAL A 328 24.49 20.21 5.94
CA VAL A 328 24.75 18.79 5.68
C VAL A 328 24.77 18.09 7.04
N GLU A 329 24.09 16.95 7.21
CA GLU A 329 24.04 16.34 8.56
C GLU A 329 25.44 15.86 8.94
N TYR A 330 25.77 15.86 10.22
CA TYR A 330 27.12 15.46 10.64
C TYR A 330 27.55 14.05 10.14
N SER A 331 26.60 13.12 10.01
CA SER A 331 26.90 11.79 9.53
C SER A 331 27.52 11.85 8.14
N GLU A 332 27.39 12.98 7.46
CA GLU A 332 27.86 13.01 6.07
C GLU A 332 29.22 13.71 5.95
N ILE A 333 29.82 13.95 7.11
CA ILE A 333 31.09 14.63 7.20
C ILE A 333 32.10 13.56 7.62
N ASP A 334 33.07 13.25 6.75
CA ASP A 334 33.97 12.15 7.10
C ASP A 334 35.05 12.68 8.05
N LYS A 335 35.97 11.80 8.46
CA LYS A 335 36.90 12.13 9.52
C LYS A 335 37.85 13.25 9.10
N GLU A 336 38.38 13.16 7.89
CA GLU A 336 39.37 14.14 7.38
C GLU A 336 38.78 15.54 7.27
N THR A 337 37.53 15.62 6.79
CA THR A 337 36.81 16.89 6.66
C THR A 337 36.52 17.45 8.08
N ALA A 338 36.04 16.59 8.97
CA ALA A 338 35.69 17.01 10.36
C ALA A 338 36.87 17.64 11.07
N GLU A 339 38.05 17.05 10.89
CA GLU A 339 39.27 17.40 11.63
C GLU A 339 40.07 18.53 10.97
N ALA A 340 39.82 18.78 9.68
CA ALA A 340 40.60 19.79 8.94
C ALA A 340 40.52 21.14 9.66
N LYS A 341 41.69 21.75 9.80
CA LYS A 341 41.86 23.11 10.36
C LYS A 341 41.73 24.20 9.29
N ASP A 342 41.26 25.36 9.69
CA ASP A 342 41.13 26.45 8.76
C ASP A 342 42.55 26.99 8.44
N PRO A 343 42.97 26.95 7.12
CA PRO A 343 44.35 27.38 6.77
C PRO A 343 44.63 28.86 7.11
N LYS A 344 43.69 29.72 6.75
CA LYS A 344 43.82 31.14 7.06
C LYS A 344 43.63 31.40 8.54
N GLN A 345 43.15 30.41 9.31
CA GLN A 345 43.04 30.58 10.79
C GLN A 345 43.23 29.25 11.58
N PRO A 346 44.49 28.82 11.74
CA PRO A 346 44.79 27.40 12.12
C PRO A 346 44.38 26.94 13.49
N ASP A 347 44.09 27.86 14.38
CA ASP A 347 43.59 27.51 15.71
C ASP A 347 42.15 26.98 15.65
N VAL A 348 41.54 26.99 14.47
CA VAL A 348 40.10 26.82 14.36
C VAL A 348 39.73 25.78 13.29
N LEU A 349 38.58 25.09 13.44
CA LEU A 349 38.14 24.09 12.43
C LEU A 349 37.70 24.69 11.07
N LYS A 350 38.19 24.15 9.96
CA LYS A 350 37.81 24.60 8.58
C LYS A 350 36.27 24.56 8.42
N PHE A 351 35.66 23.47 8.88
CA PHE A 351 34.24 23.34 8.81
C PHE A 351 33.67 23.47 10.22
N ARG A 352 33.04 24.60 10.52
CA ARG A 352 32.79 25.00 11.88
C ARG A 352 31.46 25.68 12.11
N ALA A 353 30.69 25.83 11.02
CA ALA A 353 29.42 26.58 11.02
C ALA A 353 28.23 25.71 11.47
N ALA A 354 28.05 25.56 12.79
CA ALA A 354 27.04 24.68 13.31
C ALA A 354 25.69 25.34 13.20
N ASN A 355 24.76 24.70 12.50
CA ASN A 355 23.46 25.29 12.20
C ASN A 355 22.57 25.40 13.47
N ILE A 356 21.88 26.51 13.66
CA ILE A 356 21.03 26.66 14.86
C ILE A 356 19.59 27.03 14.45
N VAL A 357 19.28 26.81 13.18
CA VAL A 357 17.91 26.96 12.64
C VAL A 357 17.40 28.39 12.90
N ASN A 358 18.07 29.35 12.32
CA ASN A 358 17.89 30.74 12.72
C ASN A 358 18.24 31.51 11.45
N HIS A 359 17.21 32.01 10.79
CA HIS A 359 17.32 32.51 9.44
C HIS A 359 16.80 33.87 9.28
N TYR A 360 17.30 34.50 8.19
CA TYR A 360 16.84 35.78 7.71
C TYR A 360 16.31 35.63 6.25
N TYR A 361 15.23 36.36 5.91
CA TYR A 361 14.80 36.39 4.53
C TYR A 361 14.49 37.83 4.12
N SER A 362 14.72 38.18 2.88
CA SER A 362 14.13 39.39 2.36
C SER A 362 12.67 39.14 2.00
N PHE A 363 11.89 40.22 1.99
CA PHE A 363 10.59 40.14 1.47
C PHE A 363 10.56 39.79 -0.03
N LYS A 364 11.47 40.32 -0.87
CA LYS A 364 11.57 39.89 -2.30
C LYS A 364 11.62 38.39 -2.41
N PHE A 365 12.40 37.74 -1.52
CA PHE A 365 12.51 36.29 -1.50
C PHE A 365 11.15 35.63 -1.26
N PHE A 366 10.40 36.14 -0.31
CA PHE A 366 9.09 35.56 0.03
C PHE A 366 8.13 35.71 -1.15
N GLU A 367 8.33 36.78 -1.94
CA GLU A 367 7.54 36.97 -3.16
C GLU A 367 7.82 35.94 -4.21
N SER A 368 8.96 35.28 -4.13
CA SER A 368 9.24 34.23 -5.13
C SER A 368 8.65 32.81 -4.78
N ILE A 369 7.96 32.68 -3.65
CA ILE A 369 7.65 31.32 -3.15
C ILE A 369 6.88 30.43 -4.19
N GLU A 370 5.91 31.01 -4.92
CA GLU A 370 5.24 30.31 -6.01
C GLU A 370 6.16 29.67 -6.97
N LEU A 371 7.35 30.22 -7.20
CA LEU A 371 8.18 29.65 -8.28
C LEU A 371 8.83 28.34 -7.88
N TRP A 372 8.90 28.03 -6.58
CA TRP A 372 9.68 26.83 -6.19
C TRP A 372 9.13 25.98 -5.08
N ALA A 373 8.17 26.48 -4.32
CA ALA A 373 7.67 25.75 -3.16
C ALA A 373 7.25 24.30 -3.50
N HIS A 374 6.91 24.05 -4.76
CA HIS A 374 6.60 22.70 -5.29
C HIS A 374 7.86 21.87 -5.43
N LYS A 375 9.04 22.52 -5.57
CA LYS A 375 10.30 21.78 -5.68
C LYS A 375 10.83 21.27 -4.34
N LEU A 376 10.24 21.64 -3.19
CA LEU A 376 10.79 21.17 -1.90
C LEU A 376 10.35 19.74 -1.67
N PRO A 377 11.28 18.79 -1.51
CA PRO A 377 10.84 17.41 -1.37
C PRO A 377 10.39 17.05 0.04
N HIS A 378 9.54 16.02 0.16
CA HIS A 378 9.16 15.47 1.44
C HIS A 378 10.09 14.33 1.76
N HIS A 379 10.78 14.46 2.88
CA HIS A 379 11.66 13.43 3.45
C HIS A 379 10.95 12.50 4.37
N VAL A 380 11.43 11.27 4.39
CA VAL A 380 10.89 10.25 5.25
C VAL A 380 11.49 10.31 6.67
N ALA A 381 10.68 10.55 7.69
CA ALA A 381 11.13 10.34 9.05
C ALA A 381 10.48 9.05 9.55
N ARG A 382 11.29 8.05 9.86
CA ARG A 382 10.69 6.81 10.34
C ARG A 382 10.42 6.98 11.81
N LYS A 383 9.24 6.57 12.27
CA LYS A 383 8.84 6.79 13.67
C LYS A 383 8.02 5.68 14.27
N LYS A 384 8.07 5.59 15.60
CA LYS A 384 7.16 4.80 16.37
C LYS A 384 5.84 5.60 16.33
N ILE A 385 4.91 5.21 15.45
CA ILE A 385 3.59 5.86 15.49
C ILE A 385 2.56 4.85 15.95
N PRO A 386 1.99 5.10 17.14
CA PRO A 386 0.87 4.28 17.65
C PRO A 386 -0.42 4.53 16.83
N CYS A 387 -1.20 3.49 16.61
CA CYS A 387 -2.27 3.51 15.62
C CYS A 387 -3.05 2.23 15.76
N ILE A 388 -4.29 2.18 15.31
CA ILE A 388 -5.00 0.88 15.35
C ILE A 388 -4.71 0.09 14.07
N LYS A 389 -4.62 -1.23 14.15
CA LYS A 389 -4.10 -2.05 13.05
C LYS A 389 -4.81 -1.93 11.69
N PRO A 401 10.03 1.42 14.99
CA PRO A 401 9.30 2.18 14.00
C PRO A 401 8.43 1.36 13.03
N ASN A 402 7.18 1.82 12.87
CA ASN A 402 6.17 1.14 12.07
C ASN A 402 5.66 2.12 11.01
N GLY A 403 5.89 3.42 11.23
CA GLY A 403 5.32 4.47 10.39
C GLY A 403 6.27 5.51 9.82
N ILE A 404 5.72 6.44 9.05
CA ILE A 404 6.51 7.53 8.41
C ILE A 404 5.81 8.85 8.60
N LYS A 405 6.58 9.91 8.91
CA LYS A 405 6.03 11.24 8.77
C LYS A 405 6.75 11.93 7.62
N LEU A 406 5.99 12.51 6.70
CA LEU A 406 6.59 13.20 5.57
C LEU A 406 6.84 14.65 5.92
N GLU A 407 8.04 15.17 5.61
CA GLU A 407 8.50 16.50 6.15
C GLU A 407 9.35 17.25 5.14
N GLN A 408 8.94 18.47 4.77
CA GLN A 408 9.77 19.37 4.02
C GLN A 408 10.81 20.01 4.96
N PHE A 409 12.00 20.33 4.44
CA PHE A 409 13.07 20.88 5.30
C PHE A 409 13.24 22.34 4.95
N VAL A 410 13.27 23.18 5.99
CA VAL A 410 13.42 24.63 5.82
C VAL A 410 14.68 25.00 5.02
N PHE A 411 15.72 24.19 5.12
CA PHE A 411 16.98 24.49 4.39
C PHE A 411 17.04 23.96 2.99
N ASP A 412 16.01 23.25 2.54
CA ASP A 412 16.06 22.70 1.17
C ASP A 412 16.00 23.78 0.09
N VAL A 413 15.66 25.01 0.45
CA VAL A 413 15.67 26.07 -0.59
C VAL A 413 17.07 26.74 -0.70
N PHE A 414 17.95 26.44 0.25
CA PHE A 414 19.25 27.10 0.30
C PHE A 414 20.03 26.75 -0.97
N PRO A 415 20.08 25.45 -1.36
CA PRO A 415 20.92 25.25 -2.56
C PRO A 415 20.29 25.74 -3.86
N MET A 416 19.05 26.19 -3.77
CA MET A 416 18.37 26.77 -4.92
C MET A 416 18.69 28.23 -4.97
N THR A 417 19.39 28.72 -3.94
CA THR A 417 19.74 30.13 -3.83
C THR A 417 21.16 30.41 -4.33
N PRO A 418 21.30 31.44 -5.17
CA PRO A 418 22.64 31.82 -5.65
C PRO A 418 23.51 32.17 -4.49
N LEU A 419 24.74 31.71 -4.62
CA LEU A 419 25.75 31.90 -3.61
C LEU A 419 25.84 33.32 -3.16
N GLU A 420 25.71 34.22 -4.12
CA GLU A 420 25.90 35.60 -3.84
C GLU A 420 24.65 36.21 -3.16
N LYS A 421 23.54 35.45 -3.15
CA LYS A 421 22.33 35.85 -2.44
C LYS A 421 22.17 35.13 -1.11
N PHE A 422 23.29 34.66 -0.56
CA PHE A 422 23.26 33.88 0.71
C PHE A 422 24.42 34.32 1.64
N ALA A 423 24.13 34.60 2.92
CA ALA A 423 25.15 34.94 3.87
C ALA A 423 25.00 34.18 5.20
N CYS A 424 26.01 34.25 6.05
CA CYS A 424 26.00 33.40 7.27
C CYS A 424 26.80 34.13 8.32
N ILE A 425 26.29 34.22 9.56
CA ILE A 425 27.06 34.87 10.61
C ILE A 425 27.23 33.93 11.80
N GLU A 426 28.40 33.93 12.38
CA GLU A 426 28.67 33.04 13.46
C GLU A 426 28.51 33.82 14.74
N VAL A 427 27.80 33.25 15.74
CA VAL A 427 27.46 34.02 16.90
C VAL A 427 27.99 33.29 18.13
N ARG A 428 27.94 33.92 19.31
CA ARG A 428 28.35 33.25 20.53
C ARG A 428 27.21 32.34 21.11
N ARG A 429 27.46 31.03 21.21
CA ARG A 429 26.47 30.09 21.74
C ARG A 429 25.89 30.58 23.09
N GLU A 430 26.78 30.94 24.02
CA GLU A 430 26.40 31.31 25.41
C GLU A 430 25.51 32.59 25.45
N ASP A 431 25.44 33.36 24.35
CA ASP A 431 24.44 34.48 24.29
C ASP A 431 23.26 34.24 23.41
N GLU A 432 23.27 33.16 22.60
CA GLU A 432 22.36 33.11 21.39
C GLU A 432 21.62 31.80 21.18
N PHE A 433 22.10 30.72 21.81
CA PHE A 433 21.53 29.42 21.48
C PHE A 433 21.46 28.50 22.67
N SER A 434 20.25 28.22 23.17
CA SER A 434 20.08 27.24 24.25
C SER A 434 18.78 26.48 24.01
N PRO A 435 18.82 25.36 23.24
CA PRO A 435 17.59 24.70 22.85
C PRO A 435 17.05 23.84 24.00
N LEU A 436 15.73 23.93 24.18
CA LEU A 436 14.93 23.10 25.09
C LEU A 436 14.36 21.90 24.28
N LYS A 437 15.07 20.76 24.38
CA LYS A 437 14.72 19.52 23.60
C LYS A 437 14.45 18.30 24.52
N ASN A 438 15.05 18.26 25.71
CA ASN A 438 14.91 17.08 26.60
C ASN A 438 14.29 17.34 27.92
N ALA A 439 13.67 16.30 28.46
CA ALA A 439 13.09 16.38 29.78
C ALA A 439 14.22 16.50 30.80
N ARG A 440 13.89 16.99 31.99
CA ARG A 440 14.87 17.15 33.06
C ARG A 440 15.66 15.86 33.33
N GLY A 441 16.82 15.97 33.97
CA GLY A 441 17.70 14.85 34.25
C GLY A 441 18.43 14.22 33.07
N THR A 442 18.29 14.78 31.88
CA THR A 442 19.05 14.28 30.71
C THR A 442 20.45 14.83 30.77
N GLY A 443 20.58 16.09 31.21
CA GLY A 443 21.87 16.73 31.37
C GLY A 443 22.37 17.34 30.07
N GLU A 444 21.52 17.41 29.05
CA GLU A 444 21.82 18.06 27.78
C GLU A 444 20.54 18.66 27.14
N ASP A 445 20.67 19.87 26.58
CA ASP A 445 19.56 20.62 26.00
C ASP A 445 18.21 20.40 26.68
N ASP A 446 18.15 20.72 27.96
CA ASP A 446 16.99 20.40 28.75
C ASP A 446 16.66 21.63 29.60
N PRO A 447 15.63 21.55 30.50
CA PRO A 447 15.22 22.75 31.25
C PRO A 447 16.34 23.34 32.08
N ASP A 448 17.19 22.47 32.62
CA ASP A 448 18.28 22.87 33.51
C ASP A 448 19.45 23.54 32.75
N THR A 449 19.80 23.00 31.59
CA THR A 449 20.78 23.71 30.74
C THR A 449 20.24 25.06 30.27
N SER A 450 18.97 25.11 29.93
CA SER A 450 18.37 26.37 29.49
C SER A 450 18.34 27.37 30.62
N LYS A 451 18.01 26.91 31.84
CA LYS A 451 17.88 27.78 33.03
C LYS A 451 19.24 28.38 33.37
N ARG A 452 20.26 27.54 33.53
CA ARG A 452 21.63 27.95 33.73
C ARG A 452 22.15 28.83 32.54
N ASP A 453 21.80 28.55 31.29
CA ASP A 453 22.33 29.43 30.26
C ASP A 453 21.82 30.91 30.42
N ILE A 454 20.54 31.06 30.70
CA ILE A 454 19.90 32.39 30.88
C ILE A 454 20.40 33.13 32.13
N MET A 455 20.55 32.36 33.22
CA MET A 455 20.98 32.90 34.53
C MET A 455 22.44 33.23 34.57
N SER A 456 23.31 32.40 33.98
CA SER A 456 24.72 32.78 33.88
C SER A 456 24.84 34.02 32.98
N GLN A 457 24.07 34.07 31.89
CA GLN A 457 24.07 35.28 31.03
C GLN A 457 23.69 36.54 31.80
N GLY A 458 22.66 36.42 32.67
CA GLY A 458 22.13 37.53 33.49
C GLY A 458 23.23 38.04 34.42
N GLN A 459 23.93 37.08 35.00
CA GLN A 459 25.00 37.42 35.93
C GLN A 459 26.20 38.09 35.25
N ARG A 460 26.66 37.52 34.13
CA ARG A 460 27.65 38.18 33.25
C ARG A 460 27.27 39.60 32.95
N TRP A 461 26.07 39.80 32.39
CA TRP A 461 25.68 41.15 31.99
C TRP A 461 25.73 42.08 33.20
N ILE A 462 25.33 41.57 34.35
CA ILE A 462 25.28 42.45 35.53
C ILE A 462 26.71 42.79 35.95
N GLU A 463 27.59 41.79 35.89
CA GLU A 463 29.02 42.02 36.23
C GLU A 463 29.73 43.01 35.29
N LYS A 464 29.50 42.89 33.99
CA LYS A 464 30.07 43.82 33.02
C LYS A 464 29.64 45.25 33.28
N ALA A 465 28.50 45.44 33.94
CA ALA A 465 28.03 46.76 34.23
C ALA A 465 28.43 47.18 35.66
N GLY A 466 29.15 46.32 36.37
CA GLY A 466 29.69 46.71 37.67
C GLY A 466 28.78 46.39 38.82
N GLY A 467 27.70 45.63 38.55
CA GLY A 467 26.92 45.02 39.61
C GLY A 467 27.80 43.99 40.33
N ILE A 468 27.56 43.80 41.63
CA ILE A 468 28.30 42.80 42.38
C ILE A 468 27.29 41.68 42.64
N VAL A 469 27.42 40.54 41.95
CA VAL A 469 26.57 39.37 42.22
C VAL A 469 27.29 38.49 43.23
N ILE A 470 26.64 38.24 44.38
CA ILE A 470 27.14 37.40 45.48
C ILE A 470 26.40 36.06 45.45
N THR A 471 27.17 34.97 45.46
CA THR A 471 26.62 33.61 45.33
C THR A 471 26.98 32.89 46.61
N GLU A 472 25.97 32.57 47.41
CA GLU A 472 26.22 31.94 48.70
C GLU A 472 26.08 30.44 48.65
N GLY A 473 25.35 29.94 47.65
CA GLY A 473 25.11 28.52 47.52
C GLY A 473 24.72 28.08 46.13
N ASP A 474 25.42 27.07 45.64
CA ASP A 474 25.24 26.38 44.33
C ASP A 474 24.34 26.99 43.25
N VAL A 475 23.08 27.24 43.59
CA VAL A 475 22.10 27.91 42.71
C VAL A 475 22.75 29.17 42.14
N VAL A 476 23.04 29.14 40.85
CA VAL A 476 23.88 30.18 40.30
C VAL A 476 23.10 31.12 39.34
N GLY A 477 23.53 32.37 39.31
CA GLY A 477 23.06 33.29 38.28
C GLY A 477 21.92 34.20 38.67
N VAL A 478 21.54 35.07 37.75
CA VAL A 478 20.50 36.05 37.99
C VAL A 478 19.69 36.12 36.73
N GLU A 479 18.38 36.11 36.90
CA GLU A 479 17.51 36.25 35.75
C GLU A 479 17.31 37.73 35.48
N VAL A 480 17.70 38.18 34.29
CA VAL A 480 17.49 39.59 33.93
C VAL A 480 16.27 39.60 33.05
N SER A 481 15.19 40.26 33.49
CA SER A 481 14.03 40.40 32.58
C SER A 481 14.48 41.08 31.28
N PRO A 482 14.03 40.60 30.11
CA PRO A 482 14.29 41.37 28.86
C PRO A 482 13.67 42.78 28.84
N LEU A 483 12.63 43.02 29.64
CA LEU A 483 12.05 44.40 29.74
C LEU A 483 13.07 45.39 30.44
N ILE A 484 14.04 44.82 31.16
CA ILE A 484 15.18 45.56 31.69
C ILE A 484 16.35 45.61 30.69
N SER A 485 16.79 44.48 30.14
CA SER A 485 17.88 44.51 29.15
C SER A 485 17.62 43.45 28.09
N TYR A 486 17.63 43.87 26.83
CA TYR A 486 17.47 42.99 25.66
C TYR A 486 18.74 42.14 25.48
N GLY A 487 19.92 42.81 25.44
CA GLY A 487 21.22 42.15 25.15
C GLY A 487 22.34 42.55 26.09
N GLY A 488 22.00 42.98 27.31
CA GLY A 488 23.05 43.42 28.24
C GLY A 488 23.18 44.93 28.43
N GLU A 489 22.58 45.77 27.55
CA GLU A 489 22.51 47.25 27.74
C GLU A 489 21.61 47.61 28.92
N GLY A 490 21.67 48.86 29.32
CA GLY A 490 20.68 49.42 30.23
C GLY A 490 20.81 48.99 31.67
N LEU A 491 21.98 48.48 32.07
CA LEU A 491 22.19 47.96 33.40
C LEU A 491 23.10 48.87 34.28
N GLU A 492 23.44 50.06 33.77
CA GLU A 492 24.36 51.00 34.51
C GLU A 492 23.86 51.23 35.90
N PHE A 493 22.54 51.35 36.02
CA PHE A 493 21.87 51.59 37.28
C PHE A 493 22.24 50.55 38.32
N LEU A 494 22.81 49.42 37.90
CA LEU A 494 23.18 48.41 38.89
C LEU A 494 24.63 48.57 39.37
N LYS A 495 25.34 49.55 38.83
CA LYS A 495 26.76 49.69 39.19
C LYS A 495 26.91 49.81 40.72
N GLY A 496 27.73 48.97 41.30
CA GLY A 496 27.92 49.03 42.75
C GLY A 496 26.91 48.25 43.61
N ARG A 497 25.76 47.89 43.09
CA ARG A 497 24.77 47.23 43.94
C ARG A 497 25.10 45.75 44.17
N GLU A 498 24.74 45.23 45.35
CA GLU A 498 24.98 43.84 45.70
C GLU A 498 23.73 42.98 45.55
N ILE A 499 23.80 42.00 44.63
CA ILE A 499 22.67 41.11 44.31
C ILE A 499 22.98 39.71 44.82
N LYS A 500 22.13 39.15 45.68
CA LYS A 500 22.31 37.78 46.15
C LYS A 500 21.78 36.78 45.08
N ALA A 501 22.69 36.02 44.45
CA ALA A 501 22.26 34.94 43.53
C ALA A 501 21.66 33.75 44.35
N PRO A 502 20.51 33.16 43.92
CA PRO A 502 19.65 33.49 42.75
C PRO A 502 18.76 34.71 42.92
N ALA A 503 18.49 35.43 41.82
CA ALA A 503 17.57 36.55 41.87
C ALA A 503 16.99 36.81 40.50
N PHE A 504 15.96 37.66 40.52
CA PHE A 504 15.20 38.06 39.36
C PHE A 504 15.18 39.59 39.32
N ILE A 505 15.70 40.16 38.25
CA ILE A 505 15.75 41.62 38.10
C ILE A 505 14.68 42.08 37.07
N GLU A 506 13.57 42.65 37.56
CA GLU A 506 12.42 42.99 36.70
C GLU A 506 12.16 44.52 36.65
N LYS A 507 11.41 44.96 35.64
CA LYS A 507 11.17 46.39 35.45
C LYS A 507 10.26 46.96 36.53
N PRO B 27 7.49 0.95 -26.27
CA PRO B 27 6.51 1.87 -25.66
C PRO B 27 7.16 3.19 -25.40
N SER B 28 6.57 4.26 -25.94
CA SER B 28 7.07 5.62 -25.72
C SER B 28 7.06 6.10 -24.24
N ALA B 29 7.86 7.14 -23.99
CA ALA B 29 7.91 7.82 -22.71
C ALA B 29 6.52 8.33 -22.29
N GLU B 30 5.72 8.78 -23.26
CA GLU B 30 4.42 9.38 -23.01
C GLU B 30 3.41 8.35 -22.51
N GLU B 31 3.21 7.32 -23.34
CA GLU B 31 2.38 6.20 -22.95
C GLU B 31 2.93 5.61 -21.60
N PHE B 32 4.25 5.47 -21.44
CA PHE B 32 4.82 4.94 -20.19
C PHE B 32 4.56 5.88 -19.01
N GLN B 33 4.60 7.19 -19.23
CA GLN B 33 4.30 8.14 -18.16
C GLN B 33 2.84 8.08 -17.72
N GLN B 34 1.95 7.93 -18.70
CA GLN B 34 0.51 7.90 -18.40
C GLN B 34 0.09 6.65 -17.62
N LEU B 35 0.74 5.54 -17.93
CA LEU B 35 0.59 4.33 -17.17
C LEU B 35 1.08 4.57 -15.72
N ARG B 36 2.29 5.13 -15.58
CA ARG B 36 2.84 5.35 -14.25
C ARG B 36 1.96 6.27 -13.37
N LYS B 37 1.38 7.28 -14.00
CA LYS B 37 0.50 8.18 -13.27
C LYS B 37 -0.74 7.44 -12.77
N LYS B 38 -1.39 6.66 -13.65
CA LYS B 38 -2.54 5.86 -13.26
C LYS B 38 -2.21 4.94 -12.07
N TYR B 39 -1.07 4.24 -12.13
CA TYR B 39 -0.71 3.35 -11.03
C TYR B 39 -0.40 4.07 -9.74
N THR B 40 0.34 5.17 -9.82
CA THR B 40 0.67 6.01 -8.71
C THR B 40 -0.54 6.70 -8.01
N ASP B 41 -1.39 7.39 -8.77
CA ASP B 41 -2.59 7.99 -8.22
C ASP B 41 -3.40 6.94 -7.45
N ALA B 42 -3.42 5.72 -7.98
CA ALA B 42 -4.08 4.55 -7.34
C ALA B 42 -3.37 3.88 -6.13
N GLY B 43 -2.21 4.42 -5.71
CA GLY B 43 -1.49 3.82 -4.57
C GLY B 43 -0.75 2.51 -4.90
N GLN B 44 -0.51 2.27 -6.19
CA GLN B 44 0.16 1.04 -6.66
C GLN B 44 1.43 1.47 -7.42
N GLY B 45 2.00 2.63 -7.05
CA GLY B 45 3.21 3.19 -7.79
C GLY B 45 4.49 2.36 -7.60
N HIS B 46 4.53 1.52 -6.55
CA HIS B 46 5.68 0.64 -6.26
C HIS B 46 5.93 -0.40 -7.38
N VAL B 47 4.92 -0.75 -8.19
CA VAL B 47 5.19 -1.66 -9.31
C VAL B 47 6.27 -1.13 -10.26
N PHE B 48 6.49 0.19 -10.20
CA PHE B 48 7.58 0.89 -10.90
C PHE B 48 8.88 1.02 -10.14
N ALA B 49 8.96 0.42 -8.96
CA ALA B 49 10.10 0.73 -8.06
C ALA B 49 11.41 0.58 -8.82
N PHE B 50 11.54 -0.45 -9.68
CA PHE B 50 12.86 -0.80 -10.28
C PHE B 50 13.02 -0.42 -11.74
N VAL B 51 12.18 0.52 -12.18
CA VAL B 51 12.16 0.90 -13.58
C VAL B 51 13.55 1.33 -14.03
N ASP B 52 14.31 1.93 -13.14
CA ASP B 52 15.63 2.41 -13.47
C ASP B 52 16.72 1.37 -13.78
N GLU B 53 16.59 0.16 -13.27
CA GLU B 53 17.59 -0.84 -13.67
C GLU B 53 17.15 -1.78 -14.76
N LEU B 54 15.91 -1.67 -15.23
CA LEU B 54 15.44 -2.59 -16.30
C LEU B 54 16.13 -2.35 -17.63
N GLN B 55 16.51 -3.43 -18.30
CA GLN B 55 16.77 -3.41 -19.73
C GLN B 55 15.55 -2.98 -20.53
N THR B 56 15.72 -2.74 -21.84
CA THR B 56 14.56 -2.27 -22.60
C THR B 56 13.45 -3.36 -22.80
N GLY B 57 13.79 -4.64 -22.79
CA GLY B 57 12.78 -5.68 -22.96
C GLY B 57 11.98 -5.84 -21.66
N GLU B 58 12.69 -5.80 -20.54
CA GLU B 58 12.05 -5.86 -19.24
C GLU B 58 11.07 -4.70 -19.06
N ARG B 59 11.48 -3.52 -19.49
CA ARG B 59 10.60 -2.34 -19.35
C ARG B 59 9.33 -2.50 -20.21
N SER B 60 9.51 -3.04 -21.41
CA SER B 60 8.40 -3.42 -22.28
C SER B 60 7.40 -4.45 -21.70
N GLN B 61 7.92 -5.59 -21.24
CA GLN B 61 7.11 -6.61 -20.59
C GLN B 61 6.28 -5.98 -19.52
N LEU B 62 6.94 -5.20 -18.68
CA LEU B 62 6.29 -4.53 -17.57
C LEU B 62 5.20 -3.57 -18.04
N PHE B 63 5.52 -2.63 -18.92
CA PHE B 63 4.51 -1.79 -19.53
C PHE B 63 3.30 -2.61 -20.01
N HIS B 64 3.55 -3.64 -20.80
CA HIS B 64 2.38 -4.32 -21.35
C HIS B 64 1.57 -5.05 -20.30
N GLN B 65 2.24 -5.68 -19.33
CA GLN B 65 1.47 -6.45 -18.35
C GLN B 65 0.61 -5.50 -17.49
N LEU B 66 1.20 -4.35 -17.07
CA LEU B 66 0.46 -3.43 -16.22
C LEU B 66 -0.66 -2.73 -17.00
N SER B 67 -0.47 -2.64 -18.32
CA SER B 67 -1.51 -2.09 -19.22
C SER B 67 -2.74 -2.99 -19.23
N SER B 68 -2.55 -4.28 -18.92
CA SER B 68 -3.67 -5.18 -18.97
C SER B 68 -4.52 -5.16 -17.65
N PHE B 69 -4.08 -4.46 -16.58
CA PHE B 69 -4.95 -4.29 -15.40
C PHE B 69 -5.34 -2.87 -15.19
N ASP B 70 -6.53 -2.67 -14.65
CA ASP B 70 -6.99 -1.39 -14.18
C ASP B 70 -6.63 -1.33 -12.69
N PRO B 71 -5.72 -0.43 -12.30
CA PRO B 71 -5.35 -0.52 -10.89
C PRO B 71 -6.46 -0.07 -9.92
N VAL B 72 -7.42 0.71 -10.39
CA VAL B 72 -8.56 1.14 -9.59
C VAL B 72 -9.46 -0.05 -9.30
N ARG B 73 -9.72 -0.83 -10.34
CA ARG B 73 -10.48 -2.05 -10.23
C ARG B 73 -9.76 -3.02 -9.27
N ILE B 74 -8.45 -3.24 -9.44
CA ILE B 74 -7.65 -4.01 -8.51
C ILE B 74 -7.81 -3.51 -7.05
N ASN B 75 -7.79 -2.17 -6.86
CA ASN B 75 -8.04 -1.60 -5.53
C ASN B 75 -9.41 -1.97 -4.99
N GLU B 76 -10.38 -1.96 -5.90
CA GLU B 76 -11.75 -2.28 -5.55
C GLU B 76 -11.82 -3.72 -5.08
N LEU B 77 -11.13 -4.57 -5.82
CA LEU B 77 -11.12 -5.99 -5.46
C LEU B 77 -10.29 -6.24 -4.15
N ALA B 78 -9.17 -5.52 -3.98
CA ALA B 78 -8.35 -5.64 -2.74
C ALA B 78 -9.23 -5.25 -1.56
N ASP B 79 -9.94 -4.16 -1.73
CA ASP B 79 -10.61 -3.60 -0.58
C ASP B 79 -11.75 -4.54 -0.12
N LYS B 80 -12.50 -5.10 -1.09
CA LYS B 80 -13.59 -6.03 -0.76
C LYS B 80 -13.07 -7.27 -0.07
N ALA B 81 -11.96 -7.78 -0.57
CA ALA B 81 -11.31 -8.93 0.05
C ALA B 81 -10.68 -8.70 1.44
N LEU B 82 -9.91 -7.64 1.61
CA LEU B 82 -9.06 -7.47 2.79
C LEU B 82 -9.81 -6.83 3.98
N ASN B 83 -10.74 -5.94 3.66
CA ASN B 83 -11.68 -5.36 4.61
C ASN B 83 -13.12 -5.64 4.21
N PRO B 84 -13.55 -6.91 4.18
CA PRO B 84 -14.90 -7.23 3.70
C PRO B 84 -16.04 -6.60 4.54
N PRO B 85 -17.21 -6.44 3.93
CA PRO B 85 -18.35 -6.01 4.77
C PRO B 85 -18.73 -7.11 5.76
N ALA B 92 -29.68 -17.34 7.04
CA ALA B 92 -29.50 -18.00 5.76
C ALA B 92 -30.29 -19.31 5.75
N SER B 93 -31.37 -19.36 4.94
CA SER B 93 -32.29 -20.50 4.80
C SER B 93 -31.71 -21.64 3.88
N LEU B 94 -31.78 -22.90 4.35
CA LEU B 94 -31.09 -24.09 3.77
C LEU B 94 -31.93 -25.34 3.65
N GLU B 95 -32.58 -25.54 2.52
CA GLU B 95 -33.29 -26.79 2.32
C GLU B 95 -32.36 -27.81 1.60
N PRO B 96 -32.94 -28.83 0.95
CA PRO B 96 -32.25 -29.43 -0.14
C PRO B 96 -33.20 -29.47 -1.35
N LEU B 97 -32.67 -29.72 -2.52
CA LEU B 97 -33.49 -29.51 -3.71
C LEU B 97 -34.89 -30.23 -3.66
N PRO B 98 -35.88 -29.70 -4.38
CA PRO B 98 -37.16 -30.38 -4.57
C PRO B 98 -37.01 -31.57 -5.51
N ASP B 99 -37.89 -32.56 -5.37
CA ASP B 99 -37.61 -33.87 -5.96
C ASP B 99 -37.94 -34.21 -7.42
N ILE B 100 -38.91 -33.61 -8.15
CA ILE B 100 -39.07 -32.21 -8.51
C ILE B 100 -37.75 -31.90 -9.30
N ALA B 101 -36.74 -31.38 -8.61
CA ALA B 101 -35.42 -31.06 -9.22
C ALA B 101 -34.44 -32.24 -9.39
N THR B 102 -34.54 -33.24 -8.51
CA THR B 102 -33.50 -34.27 -8.43
C THR B 102 -33.79 -35.57 -9.13
N ALA B 103 -32.74 -36.36 -9.28
CA ALA B 103 -32.84 -37.74 -9.73
C ALA B 103 -31.63 -38.51 -9.17
N SER B 104 -31.58 -39.80 -9.50
CA SER B 104 -30.60 -40.66 -8.88
C SER B 104 -30.51 -41.88 -9.70
N ILE B 105 -29.31 -42.18 -10.21
CA ILE B 105 -28.99 -43.45 -10.88
C ILE B 105 -29.36 -44.69 -9.99
N LEU B 106 -29.37 -44.50 -8.67
CA LEU B 106 -29.71 -45.59 -7.72
C LEU B 106 -31.23 -45.82 -7.67
N ASP B 107 -32.00 -44.73 -7.62
CA ASP B 107 -33.44 -44.78 -7.46
C ASP B 107 -34.31 -44.40 -8.66
N SER B 108 -33.77 -44.14 -9.84
CA SER B 108 -34.67 -43.70 -10.91
C SER B 108 -35.31 -44.94 -11.53
N ASP B 109 -36.46 -44.79 -12.17
CA ASP B 109 -37.01 -45.88 -12.97
C ASP B 109 -36.00 -46.21 -14.07
N PRO B 110 -35.54 -47.48 -14.19
CA PRO B 110 -34.65 -47.95 -15.28
C PRO B 110 -35.14 -47.62 -16.69
N LYS B 111 -36.46 -47.42 -16.86
CA LYS B 111 -37.05 -46.92 -18.14
C LYS B 111 -36.64 -45.49 -18.42
N ASP B 112 -36.65 -44.67 -17.37
CA ASP B 112 -36.16 -43.29 -17.52
C ASP B 112 -34.71 -43.28 -17.92
N LEU B 113 -33.89 -44.10 -17.24
CA LEU B 113 -32.44 -44.11 -17.42
C LEU B 113 -32.13 -44.56 -18.84
N GLU B 114 -32.86 -45.57 -19.31
CA GLU B 114 -32.66 -46.02 -20.69
C GLU B 114 -33.06 -44.93 -21.69
N GLN B 115 -34.26 -44.37 -21.50
CA GLN B 115 -34.73 -43.27 -22.29
C GLN B 115 -33.74 -42.04 -22.26
N TRP B 116 -33.26 -41.63 -21.07
CA TRP B 116 -32.24 -40.56 -21.07
C TRP B 116 -30.94 -40.86 -21.85
N TYR B 117 -30.42 -42.04 -21.65
CA TYR B 117 -29.29 -42.52 -22.45
C TYR B 117 -29.57 -42.36 -23.94
N GLU B 118 -30.67 -42.93 -24.39
CA GLU B 118 -31.02 -42.87 -25.81
C GLU B 118 -31.18 -41.45 -26.31
N GLU B 119 -31.85 -40.60 -25.54
CA GLU B 119 -32.05 -39.24 -26.00
C GLU B 119 -30.70 -38.49 -26.01
N GLY B 120 -29.85 -38.70 -24.99
CA GLY B 120 -28.55 -38.02 -24.97
C GLY B 120 -27.70 -38.49 -26.17
N LEU B 121 -27.79 -39.78 -26.52
CA LEU B 121 -27.02 -40.31 -27.64
C LEU B 121 -27.55 -39.70 -28.94
N LYS B 122 -28.87 -39.49 -29.04
CA LYS B 122 -29.41 -38.76 -30.22
C LYS B 122 -28.88 -37.32 -30.35
N LEU B 123 -28.77 -36.63 -29.21
CA LEU B 123 -28.20 -35.28 -29.24
C LEU B 123 -26.72 -35.33 -29.69
N VAL B 124 -25.95 -36.31 -29.20
CA VAL B 124 -24.58 -36.47 -29.70
C VAL B 124 -24.59 -36.68 -31.25
N ALA B 125 -25.42 -37.60 -31.73
CA ALA B 125 -25.51 -37.90 -33.16
C ALA B 125 -25.96 -36.66 -33.93
N GLY B 126 -26.68 -35.74 -33.27
CA GLY B 126 -27.11 -34.51 -33.99
C GLY B 126 -26.02 -33.43 -34.02
N ASN B 127 -24.86 -33.72 -33.42
CA ASN B 127 -23.82 -32.75 -33.27
C ASN B 127 -24.22 -31.58 -32.43
N LYS B 128 -25.03 -31.86 -31.40
CA LYS B 128 -25.51 -30.77 -30.52
C LYS B 128 -24.79 -30.64 -29.20
N VAL B 129 -23.80 -31.51 -28.96
CA VAL B 129 -23.13 -31.62 -27.63
C VAL B 129 -21.65 -31.25 -27.71
N ALA B 130 -21.16 -30.46 -26.74
CA ALA B 130 -19.79 -29.97 -26.72
C ALA B 130 -19.32 -30.28 -25.29
N VAL B 131 -18.02 -30.30 -25.08
CA VAL B 131 -17.47 -30.59 -23.76
C VAL B 131 -16.52 -29.42 -23.48
N VAL B 132 -16.62 -28.83 -22.32
CA VAL B 132 -15.55 -27.91 -21.91
C VAL B 132 -14.76 -28.56 -20.76
N LEU B 133 -13.45 -28.77 -20.93
CA LEU B 133 -12.66 -29.39 -19.91
C LEU B 133 -11.94 -28.29 -19.17
N MET B 134 -12.09 -28.26 -17.85
CA MET B 134 -11.34 -27.34 -16.99
C MET B 134 -10.06 -28.07 -16.62
N ALA B 135 -8.96 -27.73 -17.27
CA ALA B 135 -7.64 -28.40 -17.12
C ALA B 135 -6.64 -27.31 -16.67
N GLY B 136 -7.01 -26.54 -15.64
CA GLY B 136 -6.29 -25.28 -15.40
C GLY B 136 -5.03 -25.37 -14.54
N GLY B 137 -4.83 -26.50 -13.86
CA GLY B 137 -3.71 -26.65 -12.95
C GLY B 137 -2.61 -27.56 -13.50
N GLN B 138 -1.35 -27.26 -13.18
CA GLN B 138 -0.30 -28.24 -13.44
C GLN B 138 -0.20 -29.10 -12.19
N GLY B 139 0.25 -30.34 -12.37
CA GLY B 139 0.15 -31.35 -11.33
C GLY B 139 1.12 -31.26 -10.15
N THR B 140 1.50 -30.06 -9.71
CA THR B 140 2.60 -29.97 -8.70
C THR B 140 2.32 -30.75 -7.37
N ARG B 141 1.11 -30.63 -6.81
CA ARG B 141 0.68 -31.41 -5.64
C ARG B 141 0.91 -32.89 -5.84
N LEU B 142 1.13 -33.30 -7.08
CA LEU B 142 1.34 -34.70 -7.42
C LEU B 142 2.82 -35.00 -7.60
N GLY B 143 3.66 -33.98 -7.42
CA GLY B 143 5.11 -34.11 -7.67
C GLY B 143 5.47 -34.19 -9.16
N SER B 144 4.68 -33.44 -9.93
CA SER B 144 4.77 -33.38 -11.36
C SER B 144 4.67 -31.91 -11.80
N SER B 145 5.59 -31.45 -12.63
CA SER B 145 5.48 -30.07 -13.08
C SER B 145 4.69 -30.04 -14.39
N ALA B 146 4.34 -31.21 -14.93
CA ALA B 146 3.61 -31.21 -16.13
C ALA B 146 2.12 -30.92 -15.80
N PRO B 147 1.35 -30.46 -16.80
CA PRO B 147 -0.13 -30.34 -16.65
C PRO B 147 -0.72 -31.63 -16.03
N LYS B 148 -1.68 -31.48 -15.14
CA LYS B 148 -2.25 -32.65 -14.45
C LYS B 148 -2.87 -33.67 -15.48
N GLY B 149 -3.51 -33.18 -16.53
CA GLY B 149 -4.08 -34.10 -17.51
C GLY B 149 -3.06 -35.02 -18.19
N CYS B 150 -1.75 -34.68 -18.10
CA CYS B 150 -0.68 -35.53 -18.68
C CYS B 150 -0.35 -36.71 -17.75
N PHE B 151 -0.81 -36.65 -16.50
CA PHE B 151 -0.31 -37.59 -15.51
C PHE B 151 -0.71 -39.00 -15.82
N ASP B 152 0.20 -39.97 -15.61
CA ASP B 152 -0.04 -41.37 -15.93
C ASP B 152 -0.19 -41.99 -14.54
N ILE B 153 -1.38 -42.48 -14.19
CA ILE B 153 -1.61 -42.98 -12.82
C ILE B 153 -1.06 -44.41 -12.70
N GLY B 154 -0.43 -44.93 -13.76
CA GLY B 154 0.16 -46.24 -13.75
C GLY B 154 -0.79 -47.41 -14.13
N LEU B 155 -1.82 -47.14 -14.93
CA LEU B 155 -2.57 -48.26 -15.57
C LEU B 155 -1.66 -49.06 -16.53
N PRO B 156 -2.00 -50.33 -16.81
CA PRO B 156 -1.31 -51.13 -17.83
C PRO B 156 -1.12 -50.44 -19.21
N SER B 157 -2.04 -49.59 -19.63
CA SER B 157 -1.92 -48.89 -20.90
C SER B 157 -0.99 -47.70 -20.74
N HIS B 158 -0.64 -47.33 -19.51
CA HIS B 158 0.02 -46.08 -19.30
C HIS B 158 -0.60 -44.87 -19.97
N LYS B 159 -1.86 -44.90 -20.30
CA LYS B 159 -2.43 -43.69 -20.85
C LYS B 159 -2.58 -42.53 -19.80
N SER B 160 -2.37 -41.29 -20.25
CA SER B 160 -2.63 -40.07 -19.47
C SER B 160 -4.15 -39.90 -19.22
N LEU B 161 -4.51 -39.04 -18.27
CA LEU B 161 -5.87 -38.64 -18.11
C LEU B 161 -6.45 -38.04 -19.41
N PHE B 162 -5.74 -37.07 -20.02
CA PHE B 162 -6.20 -36.49 -21.27
C PHE B 162 -6.56 -37.54 -22.30
N GLN B 163 -5.71 -38.55 -22.45
CA GLN B 163 -5.94 -39.58 -23.46
C GLN B 163 -7.14 -40.47 -23.13
N ILE B 164 -7.33 -40.80 -21.87
CA ILE B 164 -8.51 -41.62 -21.45
C ILE B 164 -9.77 -40.85 -21.82
N GLN B 165 -9.78 -39.54 -21.56
CA GLN B 165 -10.95 -38.70 -21.78
C GLN B 165 -11.21 -38.54 -23.24
N ALA B 166 -10.13 -38.35 -24.02
CA ALA B 166 -10.32 -38.26 -25.49
C ALA B 166 -10.84 -39.56 -26.07
N GLU B 167 -10.40 -40.71 -25.54
CA GLU B 167 -10.92 -41.98 -26.07
C GLU B 167 -12.39 -42.21 -25.75
N ARG B 168 -12.84 -41.72 -24.59
CA ARG B 168 -14.22 -41.78 -24.26
C ARG B 168 -15.02 -40.87 -25.22
N ILE B 169 -14.48 -39.70 -25.58
CA ILE B 169 -15.14 -38.88 -26.58
C ILE B 169 -15.20 -39.68 -27.88
N ALA B 170 -14.09 -40.38 -28.25
CA ALA B 170 -14.01 -41.09 -29.54
C ALA B 170 -15.05 -42.17 -29.55
N LYS B 171 -15.14 -42.86 -28.44
CA LYS B 171 -16.03 -44.00 -28.39
C LYS B 171 -17.47 -43.52 -28.47
N LEU B 172 -17.80 -42.45 -27.73
CA LEU B 172 -19.20 -41.96 -27.73
C LEU B 172 -19.63 -41.55 -29.13
N GLN B 173 -18.72 -40.86 -29.85
CA GLN B 173 -18.99 -40.47 -31.25
C GLN B 173 -19.33 -41.71 -32.06
N LEU B 174 -18.52 -42.77 -31.87
CA LEU B 174 -18.68 -44.00 -32.67
C LEU B 174 -20.02 -44.70 -32.30
N LEU B 175 -20.42 -44.63 -31.05
CA LEU B 175 -21.77 -45.14 -30.66
C LEU B 175 -22.90 -44.38 -31.28
N ALA B 176 -22.75 -43.06 -31.27
CA ALA B 176 -23.77 -42.16 -31.80
C ALA B 176 -23.90 -42.44 -33.31
N GLN B 177 -22.77 -42.76 -33.96
CA GLN B 177 -22.75 -42.94 -35.38
C GLN B 177 -23.62 -44.12 -35.78
N ARG B 178 -23.81 -45.08 -34.88
CA ARG B 178 -24.77 -46.17 -35.12
C ARG B 178 -26.22 -45.71 -35.30
N ILE B 179 -26.63 -44.67 -34.60
CA ILE B 179 -27.98 -44.03 -34.77
C ILE B 179 -28.14 -43.28 -36.08
N SER B 180 -27.28 -42.31 -36.36
CA SER B 180 -27.47 -41.44 -37.51
C SER B 180 -27.09 -42.08 -38.87
N GLY B 181 -26.07 -42.95 -38.89
CA GLY B 181 -25.36 -43.19 -40.19
C GLY B 181 -24.48 -42.04 -40.72
N LYS B 182 -24.04 -41.13 -39.86
CA LYS B 182 -23.33 -39.94 -40.26
C LYS B 182 -22.24 -39.65 -39.21
N GLU B 183 -21.27 -38.83 -39.56
CA GLU B 183 -20.20 -38.55 -38.63
C GLU B 183 -20.74 -37.83 -37.37
N ALA B 184 -20.30 -38.23 -36.19
CA ALA B 184 -20.74 -37.50 -35.03
C ALA B 184 -19.51 -36.71 -34.41
N VAL B 185 -19.71 -35.49 -33.95
CA VAL B 185 -18.60 -34.66 -33.43
C VAL B 185 -19.03 -34.03 -32.11
N ILE B 186 -18.23 -34.26 -31.09
CA ILE B 186 -18.30 -33.54 -29.86
C ILE B 186 -17.04 -32.69 -29.79
N PRO B 187 -17.16 -31.41 -30.12
CA PRO B 187 -15.96 -30.56 -29.94
C PRO B 187 -15.53 -30.51 -28.46
N TRP B 188 -14.24 -30.41 -28.28
CA TRP B 188 -13.59 -30.56 -26.97
C TRP B 188 -12.89 -29.25 -26.74
N TYR B 189 -13.47 -28.44 -25.87
CA TYR B 189 -12.85 -27.14 -25.60
C TYR B 189 -12.06 -27.28 -24.30
N VAL B 190 -10.75 -27.08 -24.38
CA VAL B 190 -9.89 -27.44 -23.20
C VAL B 190 -9.30 -26.20 -22.59
N MET B 191 -9.76 -25.88 -21.39
CA MET B 191 -9.39 -24.67 -20.81
C MET B 191 -8.12 -24.81 -19.94
N THR B 192 -7.10 -24.03 -20.23
CA THR B 192 -5.83 -24.22 -19.52
C THR B 192 -5.43 -22.88 -18.87
N SER B 193 -4.50 -22.88 -17.93
CA SER B 193 -3.99 -21.58 -17.53
C SER B 193 -2.68 -21.28 -18.29
N GLY B 194 -2.25 -20.03 -18.18
CA GLY B 194 -1.00 -19.54 -18.73
C GLY B 194 0.15 -20.53 -18.67
N PRO B 195 0.55 -20.92 -17.47
CA PRO B 195 1.55 -21.95 -17.20
C PRO B 195 1.35 -23.16 -18.11
N THR B 196 0.19 -23.82 -17.94
CA THR B 196 -0.10 -25.13 -18.57
C THR B 196 -0.44 -25.10 -20.09
N ARG B 197 -0.64 -23.93 -20.69
CA ARG B 197 -1.13 -23.93 -22.04
C ARG B 197 -0.17 -24.53 -23.09
N LYS B 198 1.04 -24.00 -23.15
CA LYS B 198 2.09 -24.57 -24.00
C LYS B 198 2.35 -26.08 -23.82
N PRO B 199 2.74 -26.54 -22.63
CA PRO B 199 2.89 -27.96 -22.49
C PRO B 199 1.60 -28.73 -22.93
N THR B 200 0.40 -28.23 -22.59
CA THR B 200 -0.81 -28.94 -23.01
C THR B 200 -0.89 -29.10 -24.56
N GLU B 201 -0.71 -28.02 -25.29
CA GLU B 201 -0.74 -28.07 -26.78
C GLU B 201 0.33 -29.01 -27.28
N GLU B 202 1.54 -28.85 -26.77
CA GLU B 202 2.63 -29.77 -27.19
C GLU B 202 2.19 -31.21 -27.03
N PHE B 203 1.55 -31.54 -25.89
CA PHE B 203 1.20 -32.93 -25.58
C PHE B 203 0.15 -33.42 -26.58
N PHE B 204 -0.90 -32.62 -26.77
CA PHE B 204 -1.94 -33.07 -27.68
C PHE B 204 -1.34 -33.23 -29.09
N GLU B 205 -0.50 -32.30 -29.50
CA GLU B 205 0.16 -32.38 -30.81
C GLU B 205 1.01 -33.70 -30.93
N GLN B 206 1.83 -33.96 -29.90
CA GLN B 206 2.65 -35.21 -29.88
C GLN B 206 1.81 -36.43 -30.02
N HIS B 207 0.57 -36.39 -29.48
CA HIS B 207 -0.37 -37.53 -29.55
C HIS B 207 -1.32 -37.48 -30.73
N LYS B 208 -1.11 -36.58 -31.66
CA LYS B 208 -2.03 -36.35 -32.76
C LYS B 208 -3.48 -36.25 -32.29
N TYR B 209 -3.70 -35.51 -31.19
CA TYR B 209 -5.03 -35.30 -30.71
C TYR B 209 -5.75 -36.61 -30.33
N PHE B 210 -4.97 -37.66 -30.00
CA PHE B 210 -5.55 -38.95 -29.53
C PHE B 210 -6.54 -39.56 -30.53
N GLY B 211 -6.41 -39.29 -31.82
CA GLY B 211 -7.36 -39.83 -32.75
C GLY B 211 -8.53 -38.90 -33.08
N LEU B 212 -8.76 -37.85 -32.29
CA LEU B 212 -9.81 -36.87 -32.69
C LEU B 212 -9.25 -35.92 -33.78
N ASN B 213 -10.08 -35.17 -34.51
CA ASN B 213 -9.55 -34.20 -35.43
C ASN B 213 -9.06 -32.95 -34.73
N LYS B 214 -7.86 -32.51 -35.11
CA LYS B 214 -7.33 -31.25 -34.57
C LYS B 214 -8.39 -30.12 -34.62
N SER B 215 -9.14 -30.09 -35.71
CA SER B 215 -10.10 -29.03 -35.96
C SER B 215 -11.34 -29.06 -34.99
N ASP B 216 -11.50 -30.14 -34.24
CA ASP B 216 -12.54 -30.25 -33.21
C ASP B 216 -12.04 -30.18 -31.77
N VAL B 217 -10.80 -29.75 -31.56
CA VAL B 217 -10.24 -29.71 -30.22
C VAL B 217 -9.65 -28.28 -30.12
N ILE B 218 -10.12 -27.46 -29.20
CA ILE B 218 -9.60 -26.11 -29.15
C ILE B 218 -9.07 -25.88 -27.77
N ILE B 219 -7.79 -25.62 -27.65
CA ILE B 219 -7.18 -25.35 -26.39
C ILE B 219 -7.16 -23.85 -26.23
N PHE B 220 -7.61 -23.35 -25.08
CA PHE B 220 -7.67 -21.91 -24.83
C PHE B 220 -7.29 -21.68 -23.36
N GLU B 221 -7.09 -20.44 -22.98
CA GLU B 221 -6.56 -20.10 -21.66
C GLU B 221 -7.62 -19.32 -20.93
N GLN B 222 -7.69 -19.52 -19.62
CA GLN B 222 -8.49 -18.59 -18.81
C GLN B 222 -7.68 -17.33 -18.38
N GLY B 223 -8.44 -16.36 -17.85
CA GLY B 223 -7.92 -15.07 -17.43
C GLY B 223 -7.18 -15.22 -16.08
N VAL B 224 -6.51 -14.14 -15.69
CA VAL B 224 -5.70 -14.07 -14.48
C VAL B 224 -6.08 -12.78 -13.79
N LEU B 225 -5.74 -12.72 -12.51
CA LEU B 225 -5.68 -11.48 -11.72
C LEU B 225 -4.31 -11.38 -11.02
N PRO B 226 -3.85 -10.13 -10.70
CA PRO B 226 -2.66 -9.98 -9.92
C PRO B 226 -2.90 -10.60 -8.58
N CYS B 227 -1.85 -11.19 -8.02
CA CYS B 227 -1.84 -11.53 -6.60
C CYS B 227 -1.69 -10.26 -5.77
N ILE B 228 -2.35 -10.21 -4.61
CA ILE B 228 -2.42 -8.97 -3.81
C ILE B 228 -1.83 -9.23 -2.41
N SER B 229 -1.02 -8.31 -1.89
CA SER B 229 -0.42 -8.47 -0.57
C SER B 229 -1.48 -8.35 0.51
N ASN B 230 -1.10 -8.70 1.75
CA ASN B 230 -2.01 -8.53 2.88
C ASN B 230 -2.35 -7.07 3.11
N GLU B 231 -1.44 -6.20 2.69
CA GLU B 231 -1.64 -4.75 2.80
C GLU B 231 -2.37 -4.16 1.60
N GLY B 232 -2.74 -4.98 0.62
CA GLY B 232 -3.49 -4.52 -0.55
C GLY B 232 -2.66 -4.09 -1.76
N LYS B 233 -1.38 -4.46 -1.83
CA LYS B 233 -0.54 -3.96 -2.94
C LYS B 233 -0.28 -5.08 -3.92
N ILE B 234 -0.25 -4.74 -5.20
CA ILE B 234 -0.03 -5.76 -6.23
C ILE B 234 1.34 -6.39 -5.95
N LEU B 235 1.45 -7.72 -6.04
CA LEU B 235 2.71 -8.35 -5.75
C LEU B 235 3.56 -8.37 -7.00
N MET B 236 4.83 -8.08 -6.84
CA MET B 236 5.80 -8.17 -7.94
C MET B 236 6.50 -9.55 -7.89
N GLU B 237 6.37 -10.38 -8.93
CA GLU B 237 7.17 -11.64 -8.99
C GLU B 237 8.68 -11.41 -9.20
N SER B 238 9.02 -10.37 -9.97
CA SER B 238 10.38 -9.95 -10.24
C SER B 238 10.34 -8.44 -10.40
N LYS B 239 11.50 -7.86 -10.70
CA LYS B 239 11.56 -6.44 -10.90
C LYS B 239 10.75 -5.87 -12.04
N PHE B 240 10.40 -6.74 -13.00
CA PHE B 240 9.66 -6.32 -14.18
C PHE B 240 8.38 -7.14 -14.41
N LYS B 241 7.95 -7.91 -13.42
CA LYS B 241 6.80 -8.79 -13.61
C LYS B 241 5.93 -8.91 -12.38
N VAL B 242 4.61 -8.76 -12.60
CA VAL B 242 3.62 -8.84 -11.56
C VAL B 242 3.29 -10.30 -11.31
N ALA B 243 3.21 -10.72 -10.04
CA ALA B 243 2.74 -12.07 -9.70
C ALA B 243 1.25 -12.16 -10.03
N VAL B 244 0.90 -13.09 -10.90
CA VAL B 244 -0.50 -13.29 -11.25
C VAL B 244 -0.95 -14.71 -10.95
N ALA B 245 -2.28 -14.93 -10.81
CA ALA B 245 -2.87 -16.27 -10.68
C ALA B 245 -4.11 -16.40 -11.60
N PRO B 246 -4.42 -17.64 -12.11
CA PRO B 246 -5.67 -17.91 -12.82
C PRO B 246 -6.85 -17.41 -11.98
N ASP B 247 -7.89 -16.91 -12.63
CA ASP B 247 -8.95 -16.22 -11.91
C ASP B 247 -10.07 -17.20 -11.43
N GLY B 248 -9.70 -18.42 -11.09
CA GLY B 248 -10.69 -19.43 -10.53
C GLY B 248 -11.42 -20.18 -11.66
N ASN B 249 -11.96 -21.41 -11.42
CA ASN B 249 -12.67 -22.10 -12.53
C ASN B 249 -13.91 -21.32 -12.94
N GLY B 250 -14.39 -20.45 -12.06
CA GLY B 250 -15.43 -19.50 -12.37
C GLY B 250 -15.09 -18.53 -13.52
N GLY B 251 -13.79 -18.41 -13.79
CA GLY B 251 -13.23 -17.68 -14.97
C GLY B 251 -13.58 -18.38 -16.27
N ILE B 252 -14.19 -19.57 -16.21
CA ILE B 252 -14.61 -20.25 -17.50
C ILE B 252 -15.53 -19.34 -18.32
N TYR B 253 -16.51 -18.71 -17.68
CA TYR B 253 -17.53 -18.01 -18.44
C TYR B 253 -16.97 -16.87 -19.29
N GLN B 254 -16.17 -16.00 -18.66
CA GLN B 254 -15.56 -14.85 -19.37
C GLN B 254 -14.66 -15.41 -20.47
N ALA B 255 -13.90 -16.43 -20.09
CA ALA B 255 -12.95 -17.10 -21.04
C ALA B 255 -13.64 -17.69 -22.27
N LEU B 256 -14.83 -18.24 -22.11
CA LEU B 256 -15.63 -18.66 -23.32
C LEU B 256 -15.87 -17.50 -24.28
N LEU B 257 -16.04 -16.27 -23.75
CA LEU B 257 -16.15 -15.11 -24.70
C LEU B 257 -14.82 -14.72 -25.32
N THR B 258 -13.82 -14.49 -24.50
CA THR B 258 -12.54 -13.91 -24.96
C THR B 258 -11.86 -14.85 -25.92
N SER B 259 -11.94 -16.15 -25.61
CA SER B 259 -11.40 -17.19 -26.49
C SER B 259 -12.11 -17.38 -27.87
N GLY B 260 -13.33 -16.86 -28.06
CA GLY B 260 -14.14 -17.22 -29.25
C GLY B 260 -14.75 -18.64 -29.14
N VAL B 261 -14.60 -19.35 -28.01
CA VAL B 261 -15.28 -20.67 -27.86
C VAL B 261 -16.81 -20.62 -28.04
N ARG B 262 -17.46 -19.72 -27.34
CA ARG B 262 -18.92 -19.61 -27.44
C ARG B 262 -19.42 -19.36 -28.85
N GLU B 263 -18.71 -18.51 -29.60
CA GLU B 263 -19.04 -18.35 -31.00
C GLU B 263 -18.72 -19.57 -31.82
N ASP B 264 -17.69 -20.34 -31.49
CA ASP B 264 -17.51 -21.58 -32.24
C ASP B 264 -18.71 -22.56 -31.97
N MET B 265 -19.07 -22.65 -30.71
CA MET B 265 -20.25 -23.48 -30.31
C MET B 265 -21.45 -22.99 -31.10
N ARG B 266 -21.59 -21.68 -31.22
CA ARG B 266 -22.77 -21.11 -31.95
C ARG B 266 -22.65 -21.54 -33.42
N LYS B 267 -21.48 -21.39 -34.02
CA LYS B 267 -21.34 -21.80 -35.42
C LYS B 267 -21.72 -23.25 -35.65
N ARG B 268 -21.28 -24.13 -34.78
CA ARG B 268 -21.52 -25.56 -34.94
C ARG B 268 -22.95 -25.94 -34.56
N GLY B 269 -23.75 -25.01 -34.02
CA GLY B 269 -25.15 -25.35 -33.71
C GLY B 269 -25.13 -26.19 -32.43
N ILE B 270 -24.07 -26.03 -31.63
CA ILE B 270 -24.12 -26.65 -30.24
C ILE B 270 -25.34 -26.16 -29.41
N GLU B 271 -26.03 -27.06 -28.70
CA GLU B 271 -27.15 -26.73 -27.85
C GLU B 271 -27.00 -27.27 -26.38
N HIS B 272 -26.00 -28.12 -26.14
CA HIS B 272 -25.83 -28.84 -24.89
C HIS B 272 -24.35 -28.92 -24.58
N ILE B 273 -23.94 -28.55 -23.37
CA ILE B 273 -22.53 -28.50 -22.98
C ILE B 273 -22.28 -29.21 -21.64
N HIS B 274 -21.27 -30.06 -21.63
CA HIS B 274 -20.90 -30.79 -20.44
C HIS B 274 -19.59 -30.27 -19.96
N THR B 275 -19.50 -29.83 -18.69
CA THR B 275 -18.18 -29.29 -18.16
C THR B 275 -17.77 -30.09 -16.96
N TYR B 276 -16.50 -30.36 -16.81
CA TYR B 276 -16.01 -31.16 -15.73
C TYR B 276 -14.51 -30.76 -15.53
N CYS B 277 -13.94 -31.28 -14.47
CA CYS B 277 -12.56 -31.02 -14.07
C CYS B 277 -11.67 -32.16 -14.55
N VAL B 278 -10.46 -31.83 -15.08
CA VAL B 278 -9.57 -32.81 -15.65
C VAL B 278 -9.14 -33.95 -14.68
N ASP B 279 -9.19 -33.70 -13.38
CA ASP B 279 -8.63 -34.65 -12.43
C ASP B 279 -9.50 -35.87 -12.04
N ASN B 280 -10.68 -35.95 -12.58
CA ASN B 280 -11.56 -37.11 -12.29
C ASN B 280 -11.34 -38.25 -13.30
N CYS B 281 -10.56 -39.27 -12.93
N CYS B 281 -10.54 -39.26 -12.94
N CYS B 281 -10.55 -39.25 -12.89
CA CYS B 281 -10.20 -40.35 -13.85
CA CYS B 281 -9.06 -40.99 -13.90
CA CYS B 281 -10.22 -40.32 -13.90
CA CYS B 281 -10.15 -40.37 -13.71
C CYS B 281 -11.35 -41.29 -14.26
C CYS B 281 -11.40 -41.20 -14.33
C CYS B 281 -11.34 -41.24 -14.24
N LEU B 282 -12.45 -41.27 -13.51
CA LEU B 282 -13.69 -42.00 -13.91
C LEU B 282 -14.65 -41.14 -14.76
N VAL B 283 -14.28 -39.88 -15.06
CA VAL B 283 -15.34 -38.99 -15.67
C VAL B 283 -16.05 -39.58 -16.92
N LYS B 284 -17.39 -39.63 -16.90
CA LYS B 284 -18.11 -40.04 -18.12
C LYS B 284 -18.25 -38.82 -18.98
N VAL B 285 -17.37 -38.66 -19.97
CA VAL B 285 -17.25 -37.40 -20.68
C VAL B 285 -18.50 -37.32 -21.59
N ALA B 286 -19.24 -36.21 -21.54
CA ALA B 286 -20.43 -36.03 -22.38
C ALA B 286 -21.44 -37.17 -22.11
N ASP B 287 -21.48 -37.66 -20.88
CA ASP B 287 -22.46 -38.70 -20.49
C ASP B 287 -23.85 -38.53 -21.09
N PRO B 288 -24.23 -39.52 -21.94
CA PRO B 288 -25.48 -39.28 -22.59
C PRO B 288 -26.66 -39.37 -21.63
N VAL B 289 -26.50 -40.16 -20.57
CA VAL B 289 -27.58 -40.20 -19.56
C VAL B 289 -27.79 -38.79 -18.96
N PHE B 290 -26.70 -38.15 -18.55
CA PHE B 290 -26.75 -36.80 -17.99
C PHE B 290 -27.33 -35.77 -18.96
N ILE B 291 -26.82 -35.77 -20.16
CA ILE B 291 -27.32 -34.80 -21.19
C ILE B 291 -28.80 -35.07 -21.48
N GLY B 292 -29.10 -36.35 -21.75
CA GLY B 292 -30.49 -36.79 -21.93
C GLY B 292 -31.40 -36.36 -20.80
N PHE B 293 -30.96 -36.58 -19.57
CA PHE B 293 -31.81 -36.22 -18.42
C PHE B 293 -31.99 -34.68 -18.38
N ALA B 294 -30.91 -33.92 -18.53
CA ALA B 294 -31.00 -32.50 -18.45
C ALA B 294 -31.90 -31.97 -19.53
N ALA B 295 -31.68 -32.41 -20.79
CA ALA B 295 -32.51 -31.92 -21.92
C ALA B 295 -33.97 -32.32 -21.73
N SER B 296 -34.26 -33.50 -21.22
CA SER B 296 -35.67 -33.86 -21.07
C SER B 296 -36.38 -32.90 -20.11
N LYS B 297 -35.64 -32.33 -19.14
CA LYS B 297 -36.27 -31.48 -18.15
C LYS B 297 -36.21 -30.05 -18.62
N GLN B 298 -35.60 -29.86 -19.78
CA GLN B 298 -35.37 -28.54 -20.30
C GLN B 298 -34.74 -27.53 -19.31
N VAL B 299 -33.73 -27.95 -18.54
CA VAL B 299 -33.07 -27.10 -17.61
C VAL B 299 -32.09 -26.13 -18.33
N ASP B 300 -31.79 -24.99 -17.73
CA ASP B 300 -30.59 -24.21 -18.08
C ASP B 300 -29.29 -24.84 -17.56
N ILE B 301 -29.32 -25.34 -16.34
CA ILE B 301 -28.13 -25.96 -15.70
C ILE B 301 -28.53 -27.28 -15.08
N ALA B 302 -27.68 -28.30 -15.15
CA ALA B 302 -27.83 -29.47 -14.27
C ALA B 302 -26.49 -29.80 -13.65
N THR B 303 -26.51 -30.61 -12.63
CA THR B 303 -25.27 -30.91 -11.98
C THR B 303 -25.32 -32.30 -11.47
N LYS B 304 -24.18 -32.98 -11.37
CA LYS B 304 -24.09 -34.34 -10.71
C LYS B 304 -23.50 -34.27 -9.34
N VAL B 305 -23.91 -35.16 -8.46
CA VAL B 305 -23.36 -35.21 -7.12
C VAL B 305 -23.18 -36.67 -6.75
N VAL B 306 -22.41 -36.95 -5.70
CA VAL B 306 -22.45 -38.26 -5.08
C VAL B 306 -22.75 -38.09 -3.60
N ARG B 307 -23.16 -39.19 -2.95
CA ARG B 307 -23.42 -39.17 -1.52
C ARG B 307 -22.15 -38.84 -0.78
N LYS B 308 -22.27 -37.82 0.08
CA LYS B 308 -21.23 -37.44 1.03
C LYS B 308 -21.09 -38.66 1.97
N ARG B 309 -19.85 -39.07 2.25
CA ARG B 309 -18.60 -38.35 1.93
C ARG B 309 -17.98 -37.60 3.14
N ASN B 310 -17.28 -38.38 3.95
CA ASN B 310 -17.35 -39.81 3.83
C ASN B 310 -17.93 -40.31 5.13
N ALA B 311 -17.34 -40.01 6.29
CA ALA B 311 -16.37 -38.91 6.59
C ALA B 311 -16.95 -37.51 6.28
N THR B 312 -16.09 -36.54 5.97
CA THR B 312 -16.53 -35.15 5.81
C THR B 312 -15.60 -34.32 4.92
N GLU B 313 -16.19 -33.73 3.87
CA GLU B 313 -15.44 -32.98 2.85
C GLU B 313 -14.39 -33.91 2.25
N SER B 314 -13.38 -33.38 1.55
CA SER B 314 -13.17 -31.98 1.16
C SER B 314 -13.94 -31.65 -0.14
N VAL B 315 -15.27 -31.50 0.02
CA VAL B 315 -16.23 -31.34 -1.09
C VAL B 315 -17.34 -30.30 -0.79
N GLY B 316 -17.59 -29.43 -1.76
CA GLY B 316 -18.81 -28.62 -1.70
C GLY B 316 -20.11 -29.40 -1.59
N LEU B 317 -21.13 -28.79 -0.99
CA LEU B 317 -22.42 -29.40 -0.91
C LEU B 317 -23.48 -28.63 -1.69
N ILE B 318 -24.28 -29.37 -2.47
CA ILE B 318 -25.31 -28.80 -3.29
C ILE B 318 -26.67 -28.82 -2.58
N LEU B 319 -27.36 -27.67 -2.62
CA LEU B 319 -28.54 -27.42 -1.82
C LEU B 319 -29.35 -26.22 -2.30
N GLN B 320 -30.38 -25.91 -1.54
CA GLN B 320 -31.24 -24.75 -1.78
C GLN B 320 -30.89 -23.76 -0.69
N LYS B 321 -30.27 -22.63 -1.06
CA LYS B 321 -29.91 -21.61 -0.10
C LYS B 321 -30.74 -20.34 -0.38
N ASN B 322 -31.49 -19.88 0.62
CA ASN B 322 -32.37 -18.72 0.43
C ASN B 322 -33.32 -18.88 -0.78
N GLY B 323 -33.78 -20.09 -1.01
CA GLY B 323 -34.71 -20.39 -2.07
C GLY B 323 -34.09 -20.61 -3.42
N LYS B 324 -32.77 -20.54 -3.49
CA LYS B 324 -32.08 -20.78 -4.78
C LYS B 324 -31.18 -22.02 -4.80
N PRO B 325 -30.96 -22.59 -6.01
CA PRO B 325 -29.96 -23.66 -6.14
C PRO B 325 -28.56 -23.05 -5.91
N ASP B 326 -27.71 -23.77 -5.19
CA ASP B 326 -26.45 -23.19 -4.78
C ASP B 326 -25.55 -24.28 -4.19
N VAL B 327 -24.34 -23.87 -3.86
CA VAL B 327 -23.34 -24.75 -3.32
C VAL B 327 -22.68 -24.03 -2.16
N VAL B 328 -22.57 -24.69 -1.00
CA VAL B 328 -21.67 -24.20 0.07
C VAL B 328 -20.28 -24.93 0.06
N GLU B 329 -19.17 -24.24 -0.31
CA GLU B 329 -17.82 -24.89 -0.52
C GLU B 329 -17.23 -25.55 0.74
N TYR B 330 -16.44 -26.61 0.58
CA TYR B 330 -15.66 -27.16 1.71
C TYR B 330 -14.77 -26.07 2.36
N ARG B 352 -25.62 -33.61 2.39
CA ARG B 352 -24.71 -34.66 1.84
C ARG B 352 -24.61 -34.90 0.28
N ALA B 353 -25.29 -34.07 -0.55
CA ALA B 353 -25.16 -34.11 -2.04
C ALA B 353 -23.87 -33.41 -2.44
N ALA B 354 -22.81 -34.22 -2.57
CA ALA B 354 -21.47 -33.73 -2.73
C ALA B 354 -21.23 -33.39 -4.16
N ASN B 355 -20.75 -32.18 -4.39
CA ASN B 355 -20.41 -31.65 -5.70
C ASN B 355 -19.22 -32.40 -6.31
N ILE B 356 -19.37 -32.95 -7.52
CA ILE B 356 -18.26 -33.59 -8.20
C ILE B 356 -17.81 -32.80 -9.43
N VAL B 357 -18.14 -31.52 -9.44
CA VAL B 357 -17.66 -30.54 -10.49
C VAL B 357 -17.98 -31.11 -11.83
N ASN B 358 -19.24 -31.41 -11.97
CA ASN B 358 -19.66 -32.02 -13.22
C ASN B 358 -21.02 -31.47 -13.57
N HIS B 359 -21.06 -30.60 -14.58
CA HIS B 359 -22.15 -29.67 -14.80
C HIS B 359 -22.57 -29.70 -16.22
N TYR B 360 -23.84 -29.32 -16.44
CA TYR B 360 -24.47 -29.27 -17.77
C TYR B 360 -24.98 -27.85 -17.95
N TYR B 361 -24.89 -27.34 -19.16
CA TYR B 361 -25.54 -26.09 -19.54
C TYR B 361 -26.22 -26.22 -20.88
N SER B 362 -27.32 -25.48 -21.02
CA SER B 362 -27.88 -25.24 -22.33
C SER B 362 -26.99 -24.21 -23.01
N PHE B 363 -27.04 -24.20 -24.33
CA PHE B 363 -26.30 -23.16 -25.00
C PHE B 363 -26.97 -21.78 -24.79
N LYS B 364 -28.29 -21.78 -24.66
CA LYS B 364 -28.99 -20.54 -24.40
C LYS B 364 -28.46 -19.85 -23.17
N PHE B 365 -28.10 -20.63 -22.14
CA PHE B 365 -27.55 -20.05 -20.90
C PHE B 365 -26.23 -19.27 -21.14
N PHE B 366 -25.40 -19.76 -22.06
CA PHE B 366 -24.12 -19.13 -22.31
C PHE B 366 -24.38 -17.79 -23.04
N GLU B 367 -25.53 -17.67 -23.70
CA GLU B 367 -25.81 -16.49 -24.54
C GLU B 367 -25.95 -15.22 -23.69
N SER B 368 -26.10 -15.35 -22.39
CA SER B 368 -26.19 -14.10 -21.61
C SER B 368 -25.01 -13.88 -20.62
N ILE B 369 -23.89 -14.56 -20.88
CA ILE B 369 -22.71 -14.36 -20.04
C ILE B 369 -22.39 -12.86 -19.85
N GLU B 370 -22.49 -12.08 -20.93
CA GLU B 370 -22.14 -10.63 -20.90
C GLU B 370 -22.89 -9.92 -19.78
N LEU B 371 -24.13 -10.32 -19.55
CA LEU B 371 -25.05 -9.75 -18.51
C LEU B 371 -24.71 -10.05 -17.06
N TRP B 372 -23.98 -11.12 -16.79
CA TRP B 372 -23.71 -11.46 -15.42
C TRP B 372 -22.34 -11.89 -15.04
N ALA B 373 -21.40 -11.92 -16.00
CA ALA B 373 -20.05 -12.37 -15.69
C ALA B 373 -19.48 -11.55 -14.55
N HIS B 374 -19.78 -10.25 -14.57
CA HIS B 374 -19.28 -9.27 -13.61
C HIS B 374 -19.91 -9.44 -12.24
N LYS B 375 -21.12 -10.02 -12.14
CA LYS B 375 -21.75 -10.30 -10.86
C LYS B 375 -21.10 -11.46 -10.02
N LEU B 376 -20.17 -12.23 -10.61
CA LEU B 376 -19.57 -13.39 -9.85
C LEU B 376 -18.61 -12.93 -8.75
N PRO B 377 -18.81 -13.37 -7.50
CA PRO B 377 -17.96 -12.89 -6.40
C PRO B 377 -16.55 -13.45 -6.57
N HIS B 378 -15.59 -12.80 -5.90
CA HIS B 378 -14.23 -13.29 -5.86
C HIS B 378 -14.05 -13.92 -4.54
N HIS B 379 -13.49 -15.12 -4.46
CA HIS B 379 -13.28 -15.73 -3.16
C HIS B 379 -11.87 -15.53 -2.87
N VAL B 380 -11.55 -15.36 -1.59
CA VAL B 380 -10.26 -14.91 -1.19
C VAL B 380 -9.55 -16.20 -0.81
N ALA B 381 -8.42 -16.51 -1.43
CA ALA B 381 -7.54 -17.52 -0.83
C ALA B 381 -6.26 -16.88 -0.27
N ARG B 382 -5.99 -17.10 1.01
CA ARG B 382 -4.76 -16.60 1.59
C ARG B 382 -3.56 -17.53 1.30
N LYS B 383 -2.50 -17.03 0.69
CA LYS B 383 -1.47 -17.91 0.09
C LYS B 383 -0.12 -17.36 0.40
N LYS B 384 0.89 -18.24 0.29
CA LYS B 384 2.29 -17.85 0.40
C LYS B 384 2.67 -17.56 -1.04
N ILE B 385 3.06 -16.32 -1.35
CA ILE B 385 3.26 -15.96 -2.76
C ILE B 385 4.67 -15.43 -3.02
N PRO B 386 5.52 -16.22 -3.75
CA PRO B 386 6.93 -15.76 -3.93
C PRO B 386 6.93 -14.42 -4.67
N CYS B 387 7.75 -13.48 -4.23
CA CYS B 387 7.72 -12.11 -4.77
C CYS B 387 9.01 -11.35 -4.45
N ILE B 388 9.07 -10.07 -4.81
CA ILE B 388 10.25 -9.23 -4.52
C ILE B 388 10.47 -8.88 -3.03
N PHE B 396 12.64 -14.04 -3.36
CA PHE B 396 12.02 -14.13 -2.02
C PHE B 396 10.72 -15.03 -1.89
N LYS B 397 10.90 -16.20 -1.25
CA LYS B 397 9.81 -17.14 -0.89
C LYS B 397 9.39 -16.82 0.55
N PRO B 398 8.11 -16.39 0.74
CA PRO B 398 7.60 -16.14 2.10
C PRO B 398 7.41 -17.42 2.93
N GLU B 399 7.33 -17.25 4.24
CA GLU B 399 7.17 -18.30 5.24
C GLU B 399 5.79 -18.33 5.93
N LYS B 400 5.09 -17.19 5.97
CA LYS B 400 3.66 -17.10 6.37
C LYS B 400 2.85 -16.56 5.15
N PRO B 401 1.54 -16.93 5.00
CA PRO B 401 0.75 -16.32 3.91
C PRO B 401 1.01 -14.80 3.85
N ASN B 402 1.52 -14.32 2.71
CA ASN B 402 1.85 -12.90 2.58
C ASN B 402 0.85 -12.17 1.65
N GLY B 403 -0.13 -12.90 1.10
CA GLY B 403 -1.13 -12.27 0.26
C GLY B 403 -2.30 -13.13 -0.12
N ILE B 404 -3.07 -12.69 -1.10
CA ILE B 404 -4.27 -13.43 -1.47
C ILE B 404 -4.31 -13.65 -2.96
N LYS B 405 -4.93 -14.75 -3.40
CA LYS B 405 -5.35 -14.87 -4.81
C LYS B 405 -6.87 -14.78 -4.84
N LEU B 406 -7.41 -14.16 -5.88
CA LEU B 406 -8.84 -13.98 -5.96
C LEU B 406 -9.37 -14.95 -7.02
N GLU B 407 -10.41 -15.68 -6.66
CA GLU B 407 -11.02 -16.69 -7.53
C GLU B 407 -12.53 -16.67 -7.60
N GLN B 408 -13.03 -16.68 -8.85
CA GLN B 408 -14.43 -17.01 -9.09
C GLN B 408 -14.68 -18.53 -9.05
N PHE B 409 -15.87 -18.95 -8.61
CA PHE B 409 -16.25 -20.39 -8.60
C PHE B 409 -17.29 -20.65 -9.67
N VAL B 410 -17.07 -21.70 -10.42
CA VAL B 410 -17.93 -22.10 -11.51
C VAL B 410 -19.40 -22.27 -11.08
N PHE B 411 -19.60 -22.77 -9.86
CA PHE B 411 -20.97 -22.97 -9.42
C PHE B 411 -21.72 -21.69 -8.94
N ASP B 412 -21.05 -20.52 -8.88
CA ASP B 412 -21.74 -19.28 -8.44
C ASP B 412 -22.79 -18.78 -9.44
N VAL B 413 -22.95 -19.47 -10.58
CA VAL B 413 -24.08 -19.13 -11.49
C VAL B 413 -25.32 -19.78 -11.02
N PHE B 414 -25.23 -20.74 -10.06
CA PHE B 414 -26.38 -21.59 -9.73
C PHE B 414 -27.50 -20.70 -9.15
N PRO B 415 -27.18 -19.78 -8.21
CA PRO B 415 -28.38 -19.09 -7.67
C PRO B 415 -28.98 -18.04 -8.64
N MET B 416 -28.41 -17.90 -9.83
CA MET B 416 -28.96 -17.06 -10.89
C MET B 416 -30.09 -17.76 -11.64
N THR B 417 -30.16 -19.07 -11.45
CA THR B 417 -31.12 -19.96 -12.19
C THR B 417 -32.25 -20.36 -11.29
N PRO B 418 -33.51 -20.29 -11.78
CA PRO B 418 -34.74 -20.74 -11.01
C PRO B 418 -34.65 -22.23 -10.70
N LEU B 419 -35.12 -22.63 -9.52
CA LEU B 419 -35.23 -24.02 -9.18
C LEU B 419 -35.79 -24.83 -10.33
N GLU B 420 -36.86 -24.32 -10.95
CA GLU B 420 -37.55 -25.03 -12.05
C GLU B 420 -36.65 -25.24 -13.30
N LYS B 421 -35.57 -24.46 -13.45
CA LYS B 421 -34.66 -24.58 -14.58
C LYS B 421 -33.31 -25.18 -14.16
N PHE B 422 -33.35 -25.87 -13.02
CA PHE B 422 -32.13 -26.46 -12.44
C PHE B 422 -32.41 -27.95 -12.11
N ALA B 423 -31.43 -28.82 -12.31
CA ALA B 423 -31.61 -30.21 -11.96
C ALA B 423 -30.34 -30.89 -11.47
N CYS B 424 -30.55 -31.88 -10.60
CA CYS B 424 -29.44 -32.49 -9.88
C CYS B 424 -29.62 -34.03 -9.87
N ILE B 425 -28.57 -34.72 -10.34
CA ILE B 425 -28.59 -36.16 -10.48
C ILE B 425 -27.44 -36.76 -9.69
N GLU B 426 -27.79 -37.62 -8.75
CA GLU B 426 -26.87 -38.38 -7.94
C GLU B 426 -26.39 -39.56 -8.75
N VAL B 427 -25.08 -39.77 -8.74
CA VAL B 427 -24.47 -40.88 -9.48
C VAL B 427 -23.64 -41.76 -8.49
N ARG B 428 -23.26 -42.95 -8.94
CA ARG B 428 -22.41 -43.86 -8.13
C ARG B 428 -20.96 -43.38 -8.15
N ARG B 429 -20.40 -43.10 -7.00
CA ARG B 429 -18.99 -42.68 -6.89
C ARG B 429 -18.05 -43.69 -7.57
N GLU B 430 -18.30 -44.97 -7.36
CA GLU B 430 -17.45 -46.02 -7.90
C GLU B 430 -17.43 -46.13 -9.43
N ASP B 431 -18.36 -45.49 -10.14
CA ASP B 431 -18.42 -45.54 -11.59
C ASP B 431 -18.11 -44.18 -12.19
N GLU B 432 -18.19 -43.12 -11.37
CA GLU B 432 -18.24 -41.73 -11.85
C GLU B 432 -17.28 -40.73 -11.27
N PHE B 433 -16.67 -41.02 -10.09
CA PHE B 433 -15.89 -40.00 -9.42
C PHE B 433 -14.70 -40.63 -8.73
N SER B 434 -13.51 -40.34 -9.23
CA SER B 434 -12.27 -40.85 -8.63
C SER B 434 -11.21 -39.74 -8.83
N PRO B 435 -11.24 -38.70 -7.96
CA PRO B 435 -10.41 -37.53 -8.23
C PRO B 435 -8.92 -37.82 -7.94
N LEU B 436 -8.04 -37.24 -8.74
CA LEU B 436 -6.61 -37.37 -8.57
C LEU B 436 -6.16 -36.05 -7.95
N LYS B 437 -6.06 -36.04 -6.62
CA LYS B 437 -5.70 -34.78 -5.92
C LYS B 437 -4.30 -34.83 -5.34
N ASN B 438 -3.86 -36.00 -4.87
CA ASN B 438 -2.68 -36.08 -3.99
C ASN B 438 -1.64 -36.98 -4.62
N ALA B 439 -0.35 -36.85 -4.24
CA ALA B 439 0.68 -37.74 -4.76
C ALA B 439 0.54 -39.07 -4.09
N ARG B 440 1.17 -40.07 -4.69
CA ARG B 440 1.35 -41.38 -4.10
C ARG B 440 1.85 -41.25 -2.71
N GLY B 441 1.43 -42.18 -1.87
CA GLY B 441 1.79 -42.15 -0.49
C GLY B 441 0.73 -41.53 0.39
N THR B 442 -0.29 -40.85 -0.18
CA THR B 442 -1.34 -40.30 0.65
C THR B 442 -2.29 -41.35 1.19
N GLY B 443 -2.75 -42.28 0.37
CA GLY B 443 -3.79 -43.21 0.77
C GLY B 443 -5.14 -42.84 0.19
N GLU B 444 -5.34 -41.59 -0.21
CA GLU B 444 -6.64 -41.16 -0.75
C GLU B 444 -6.57 -40.17 -1.94
N ASP B 445 -7.54 -40.27 -2.83
CA ASP B 445 -7.58 -39.41 -4.03
C ASP B 445 -6.20 -39.25 -4.65
N ASP B 446 -5.53 -40.37 -4.87
CA ASP B 446 -4.18 -40.35 -5.42
C ASP B 446 -4.02 -41.27 -6.65
N PRO B 447 -2.78 -41.41 -7.23
CA PRO B 447 -2.68 -42.27 -8.41
C PRO B 447 -3.10 -43.74 -8.11
N ASP B 448 -2.83 -44.21 -6.90
CA ASP B 448 -3.21 -45.58 -6.56
C ASP B 448 -4.72 -45.78 -6.44
N THR B 449 -5.44 -44.82 -5.90
CA THR B 449 -6.87 -45.00 -5.74
C THR B 449 -7.52 -44.88 -7.11
N SER B 450 -7.00 -43.97 -7.92
CA SER B 450 -7.42 -43.77 -9.27
C SER B 450 -7.28 -45.08 -10.09
N LYS B 451 -6.08 -45.65 -10.08
CA LYS B 451 -5.78 -46.85 -10.81
C LYS B 451 -6.72 -47.98 -10.34
N ARG B 452 -6.79 -48.23 -9.04
CA ARG B 452 -7.74 -49.19 -8.44
C ARG B 452 -9.18 -48.97 -8.89
N ASP B 453 -9.67 -47.73 -8.87
CA ASP B 453 -11.05 -47.48 -9.22
C ASP B 453 -11.31 -47.80 -10.74
N ILE B 454 -10.37 -47.44 -11.59
CA ILE B 454 -10.54 -47.75 -13.03
C ILE B 454 -10.50 -49.30 -13.27
N MET B 455 -9.56 -50.01 -12.63
CA MET B 455 -9.43 -51.44 -12.85
C MET B 455 -10.52 -52.26 -12.14
N SER B 456 -11.00 -51.76 -11.00
CA SER B 456 -12.19 -52.37 -10.43
C SER B 456 -13.41 -52.21 -11.36
N GLN B 457 -13.55 -51.05 -12.00
CA GLN B 457 -14.66 -50.80 -12.90
C GLN B 457 -14.59 -51.72 -14.14
N GLY B 458 -13.39 -51.91 -14.67
CA GLY B 458 -13.27 -52.72 -15.91
C GLY B 458 -13.63 -54.17 -15.57
N GLN B 459 -13.12 -54.63 -14.43
CA GLN B 459 -13.43 -55.93 -13.90
C GLN B 459 -14.91 -56.14 -13.75
N ARG B 460 -15.60 -55.35 -12.88
CA ARG B 460 -17.06 -55.36 -12.73
C ARG B 460 -17.78 -55.38 -14.09
N TRP B 461 -17.33 -54.55 -15.03
CA TRP B 461 -17.95 -54.58 -16.37
C TRP B 461 -17.77 -55.92 -17.06
N ILE B 462 -16.58 -56.51 -16.89
CA ILE B 462 -16.28 -57.73 -17.60
C ILE B 462 -17.17 -58.85 -17.04
N GLU B 463 -17.33 -58.91 -15.71
CA GLU B 463 -18.13 -59.93 -15.06
C GLU B 463 -19.60 -59.81 -15.41
N LYS B 464 -20.06 -58.55 -15.52
CA LYS B 464 -21.45 -58.35 -15.79
C LYS B 464 -21.73 -58.87 -17.24
N ALA B 465 -20.76 -58.75 -18.15
CA ALA B 465 -20.92 -59.28 -19.52
C ALA B 465 -20.68 -60.82 -19.54
N GLY B 466 -20.41 -61.41 -18.39
CA GLY B 466 -20.09 -62.83 -18.37
C GLY B 466 -18.64 -63.31 -18.46
N GLY B 467 -17.67 -62.43 -18.65
CA GLY B 467 -16.27 -62.85 -18.54
C GLY B 467 -15.98 -63.29 -17.13
N ILE B 468 -14.96 -64.15 -16.98
CA ILE B 468 -14.54 -64.69 -15.67
C ILE B 468 -13.13 -64.14 -15.43
N VAL B 469 -12.97 -63.39 -14.34
CA VAL B 469 -11.66 -62.75 -14.07
C VAL B 469 -10.99 -63.55 -12.98
N ILE B 470 -9.83 -64.12 -13.28
CA ILE B 470 -8.98 -64.86 -12.33
C ILE B 470 -7.92 -63.95 -11.72
N THR B 471 -7.83 -63.95 -10.39
CA THR B 471 -6.81 -63.15 -9.70
C THR B 471 -5.88 -64.04 -8.88
N GLU B 472 -4.69 -64.29 -9.42
CA GLU B 472 -3.71 -65.17 -8.78
C GLU B 472 -2.90 -64.36 -7.77
N GLY B 473 -2.70 -63.08 -8.08
CA GLY B 473 -1.81 -62.20 -7.31
C GLY B 473 -2.44 -61.03 -6.57
N ASP B 474 -1.58 -60.10 -6.18
CA ASP B 474 -1.95 -58.99 -5.29
C ASP B 474 -2.41 -57.79 -6.07
N VAL B 475 -2.09 -57.79 -7.37
CA VAL B 475 -2.45 -56.69 -8.25
C VAL B 475 -3.81 -57.07 -8.91
N VAL B 476 -4.82 -56.20 -8.76
CA VAL B 476 -6.22 -56.56 -9.01
C VAL B 476 -6.87 -55.71 -10.12
N GLY B 477 -7.91 -56.27 -10.74
CA GLY B 477 -8.68 -55.55 -11.74
C GLY B 477 -8.21 -55.81 -13.16
N VAL B 478 -8.91 -55.14 -14.08
CA VAL B 478 -8.66 -55.25 -15.49
C VAL B 478 -8.97 -53.88 -16.07
N GLU B 479 -8.04 -53.30 -16.79
CA GLU B 479 -8.29 -51.99 -17.39
C GLU B 479 -9.06 -52.25 -18.65
N VAL B 480 -10.18 -51.55 -18.88
CA VAL B 480 -10.87 -51.67 -20.20
C VAL B 480 -10.69 -50.37 -20.98
N SER B 481 -10.07 -50.44 -22.16
CA SER B 481 -9.86 -49.23 -22.97
C SER B 481 -11.22 -48.53 -23.31
N PRO B 482 -11.31 -47.20 -23.28
CA PRO B 482 -12.59 -46.62 -23.63
C PRO B 482 -12.93 -46.93 -25.10
N LEU B 483 -11.93 -47.30 -25.91
CA LEU B 483 -12.22 -47.59 -27.32
C LEU B 483 -12.84 -49.00 -27.42
N ILE B 484 -12.76 -49.81 -26.36
CA ILE B 484 -13.48 -51.07 -26.35
C ILE B 484 -14.87 -50.81 -25.75
N SER B 485 -14.94 -49.99 -24.69
CA SER B 485 -16.17 -49.83 -23.98
C SER B 485 -16.17 -48.53 -23.29
N TYR B 486 -17.16 -47.72 -23.61
CA TYR B 486 -17.35 -46.41 -23.01
C TYR B 486 -17.87 -46.53 -21.57
N GLY B 487 -18.90 -47.33 -21.41
CA GLY B 487 -19.62 -47.32 -20.15
C GLY B 487 -19.99 -48.76 -19.73
N GLY B 488 -19.32 -49.77 -20.24
CA GLY B 488 -19.60 -51.21 -19.97
C GLY B 488 -20.42 -51.94 -21.06
N GLU B 489 -20.86 -51.24 -22.09
CA GLU B 489 -21.45 -51.88 -23.30
C GLU B 489 -20.37 -52.54 -24.17
N GLY B 490 -20.79 -53.41 -25.09
CA GLY B 490 -19.91 -54.01 -26.08
C GLY B 490 -18.86 -55.00 -25.55
N LEU B 491 -19.11 -55.64 -24.39
CA LEU B 491 -18.13 -56.60 -23.85
C LEU B 491 -18.63 -58.05 -23.98
N GLU B 492 -19.67 -58.25 -24.79
CA GLU B 492 -20.32 -59.57 -24.94
C GLU B 492 -19.39 -60.66 -25.45
N PHE B 493 -18.44 -60.26 -26.31
CA PHE B 493 -17.39 -61.12 -26.87
C PHE B 493 -16.47 -61.78 -25.79
N LEU B 494 -16.52 -61.24 -24.58
CA LEU B 494 -15.81 -61.83 -23.46
C LEU B 494 -16.64 -62.85 -22.71
N LYS B 495 -17.92 -63.02 -23.03
CA LYS B 495 -18.71 -64.00 -22.27
C LYS B 495 -18.07 -65.37 -22.33
N GLY B 496 -17.91 -65.99 -21.18
CA GLY B 496 -17.30 -67.31 -21.07
C GLY B 496 -15.79 -67.30 -21.01
N ARG B 497 -15.13 -66.15 -21.24
CA ARG B 497 -13.68 -66.17 -21.27
C ARG B 497 -13.03 -65.93 -19.92
N GLU B 498 -11.93 -66.61 -19.70
CA GLU B 498 -11.17 -66.39 -18.49
C GLU B 498 -10.15 -65.32 -18.76
N ILE B 499 -10.17 -64.28 -17.93
CA ILE B 499 -9.17 -63.23 -18.02
C ILE B 499 -8.33 -63.25 -16.75
N LYS B 500 -7.00 -63.20 -16.92
CA LYS B 500 -6.07 -63.24 -15.78
C LYS B 500 -5.79 -61.81 -15.40
N ALA B 501 -6.10 -61.43 -14.17
CA ALA B 501 -5.84 -60.08 -13.68
C ALA B 501 -4.43 -59.97 -13.04
N PRO B 502 -3.72 -58.81 -13.20
CA PRO B 502 -4.11 -57.60 -13.93
C PRO B 502 -3.97 -57.84 -15.45
N ALA B 503 -4.93 -57.34 -16.19
CA ALA B 503 -4.86 -57.42 -17.65
C ALA B 503 -5.38 -56.05 -18.19
N PHE B 504 -5.31 -55.85 -19.50
CA PHE B 504 -5.69 -54.61 -20.20
C PHE B 504 -6.36 -55.09 -21.48
N ILE B 505 -7.65 -54.81 -21.65
CA ILE B 505 -8.43 -55.07 -22.87
C ILE B 505 -8.35 -53.82 -23.79
N GLU B 506 -7.80 -53.97 -25.01
CA GLU B 506 -7.58 -52.85 -25.94
C GLU B 506 -8.01 -53.31 -27.35
N LYS B 507 -8.41 -52.38 -28.21
CA LYS B 507 -8.62 -52.66 -29.63
C LYS B 507 -7.72 -53.73 -30.24
#